data_3ZY3
#
_entry.id   3ZY3
#
_cell.length_a   132.180
_cell.length_b   132.180
_cell.length_c   77.561
_cell.angle_alpha   90.00
_cell.angle_beta   90.00
_cell.angle_gamma   120.00
#
_symmetry.space_group_name_H-M   'P 65'
#
loop_
_entity.id
_entity.type
_entity.pdbx_description
1 polymer 'PUTATIVE GDP-FUCOSE PROTEIN O-FUCOSYLTRANSFERASE 1'
2 non-polymer 'SULFATE ION'
3 non-polymer "GUANOSINE-5'-DIPHOSPHATE"
4 water water
#
_entity_poly.entity_id   1
_entity_poly.type   'polypeptide(L)'
_entity_poly.pdbx_seq_one_letter_code
;EAEATDPNGYIVFCPCMGRFGNQVDQFLGVLAFAKALDRTLVLPNFIEFKHPETKMIPFEFLFQVGTVAKYTRVVTMQEF
TKKIMPTVWPPEKRKAFCWTPRQAIYDKSAEPGCHSKEGNPFGPYWDQIDVSFVGDEYFGDIPGGFDLNQMGSRKKWLEK
FPSEEYPVLAFSSAPAPFPSKGKVWSIQKYLRWSSRITEQAKKFISANLAKPFVAVHLRNDADWVRVCEHIDTTTNRPLF
ASEQCLGEGHHLGTLTKEICSPSKQQILEQIVEKVGSIGAKSVFVASDKDHMIDEINEALKPYEIEAHRQEPDDMYTSLA
IMGRADLFVGNCVSTFSHIVKRERDHAGQSPRPSAFFGIRAV
;
_entity_poly.pdbx_strand_id   A,B
#
loop_
_chem_comp.id
_chem_comp.type
_chem_comp.name
_chem_comp.formula
GDP RNA linking GUANOSINE-5'-DIPHOSPHATE 'C10 H15 N5 O11 P2'
SO4 non-polymer 'SULFATE ION' 'O4 S -2'
#
# COMPACT_ATOMS: atom_id res chain seq x y z
N GLU A 3 23.89 24.39 10.58
CA GLU A 3 23.47 25.73 11.06
C GLU A 3 22.02 25.80 11.55
N ALA A 4 21.10 26.19 10.67
CA ALA A 4 19.70 26.33 11.03
C ALA A 4 19.09 24.96 11.29
N THR A 5 18.21 24.87 12.28
CA THR A 5 17.46 23.63 12.51
C THR A 5 16.03 23.72 11.97
N ASP A 6 15.50 22.54 11.64
CA ASP A 6 14.22 22.37 10.99
C ASP A 6 13.08 22.73 11.95
N PRO A 7 12.33 23.80 11.64
CA PRO A 7 11.17 24.21 12.44
C PRO A 7 10.02 23.19 12.44
N ASN A 8 9.96 22.32 11.43
CA ASN A 8 9.03 21.19 11.45
C ASN A 8 9.45 20.04 12.38
N GLY A 9 10.69 20.05 12.83
CA GLY A 9 11.15 19.02 13.75
C GLY A 9 11.75 17.82 13.03
N TYR A 10 12.09 16.80 13.80
CA TYR A 10 12.90 15.68 13.32
C TYR A 10 12.22 14.36 13.65
N ILE A 11 12.65 13.33 12.93
CA ILE A 11 12.37 11.92 13.22
C ILE A 11 13.71 11.21 13.39
N VAL A 12 13.86 10.49 14.49
CA VAL A 12 14.94 9.56 14.67
C VAL A 12 14.29 8.25 15.05
N PHE A 13 14.93 7.13 14.70
CA PHE A 13 14.34 5.84 15.04
C PHE A 13 15.35 4.72 15.19
N CYS A 14 14.96 3.68 15.91
CA CYS A 14 15.74 2.47 15.98
C CYS A 14 15.28 1.47 14.91
N PRO A 15 16.22 1.03 14.05
CA PRO A 15 15.88 -0.04 13.12
C PRO A 15 15.96 -1.37 13.88
N CYS A 16 14.99 -1.53 14.78
CA CYS A 16 15.01 -2.49 15.89
C CYS A 16 14.38 -3.85 15.56
N MET A 17 13.94 -4.03 14.32
CA MET A 17 13.33 -5.28 13.90
C MET A 17 14.22 -5.93 12.86
N GLY A 18 14.62 -7.18 13.14
CA GLY A 18 15.28 -8.02 12.16
C GLY A 18 16.67 -7.57 11.81
N ARG A 19 17.24 -8.23 10.80
CA ARG A 19 18.60 -7.94 10.38
C ARG A 19 18.64 -7.00 9.16
N PHE A 20 19.74 -6.96 8.40
CA PHE A 20 19.97 -5.85 7.45
C PHE A 20 18.88 -5.68 6.38
N GLY A 21 18.47 -6.80 5.78
CA GLY A 21 17.33 -6.82 4.84
C GLY A 21 16.08 -6.21 5.43
N ASN A 22 15.70 -6.69 6.62
CA ASN A 22 14.59 -6.13 7.42
C ASN A 22 14.77 -4.61 7.62
N GLN A 23 15.96 -4.18 8.02
CA GLN A 23 16.18 -2.79 8.37
C GLN A 23 16.06 -1.85 7.16
N VAL A 24 16.67 -2.27 6.06
CA VAL A 24 16.57 -1.50 4.82
C VAL A 24 15.13 -1.39 4.33
N ASP A 25 14.43 -2.51 4.37
CA ASP A 25 13.06 -2.63 3.89
C ASP A 25 12.17 -1.63 4.58
N GLN A 26 12.30 -1.57 5.90
CA GLN A 26 11.51 -0.61 6.68
C GLN A 26 12.03 0.81 6.50
N PHE A 27 13.35 0.98 6.41
CA PHE A 27 13.93 2.30 6.17
C PHE A 27 13.42 3.01 4.90
N LEU A 28 13.21 2.29 3.81
CA LEU A 28 12.56 2.88 2.62
C LEU A 28 11.20 3.48 2.98
N GLY A 29 10.41 2.73 3.76
CA GLY A 29 9.12 3.22 4.26
C GLY A 29 9.26 4.43 5.16
N VAL A 30 10.28 4.42 6.02
CA VAL A 30 10.55 5.57 6.88
C VAL A 30 10.91 6.80 6.04
N LEU A 31 11.69 6.62 4.97
CA LEU A 31 11.97 7.73 4.05
C LEU A 31 10.70 8.37 3.50
N ALA A 32 9.77 7.53 3.04
CA ALA A 32 8.48 7.97 2.50
C ALA A 32 7.68 8.69 3.58
N PHE A 33 7.64 8.11 4.78
CA PHE A 33 6.99 8.69 5.94
C PHE A 33 7.55 10.09 6.31
N ALA A 34 8.86 10.21 6.44
CA ALA A 34 9.48 11.50 6.76
C ALA A 34 9.19 12.58 5.71
N LYS A 35 9.27 12.21 4.44
CA LYS A 35 8.96 13.16 3.35
C LYS A 35 7.50 13.64 3.43
N ALA A 36 6.56 12.72 3.59
CA ALA A 36 5.13 13.06 3.60
C ALA A 36 4.79 13.93 4.80
N LEU A 37 5.33 13.59 5.96
CA LEU A 37 5.16 14.36 7.20
C LEU A 37 5.87 15.72 7.14
N ASP A 38 6.99 15.75 6.42
CA ASP A 38 7.82 16.95 6.19
C ASP A 38 8.63 17.33 7.42
N ARG A 39 9.22 16.30 8.03
CA ARG A 39 10.24 16.47 9.05
C ARG A 39 11.56 15.97 8.48
N THR A 40 12.69 16.46 9.00
CA THR A 40 14.00 15.97 8.58
C THR A 40 14.24 14.61 9.24
N LEU A 41 14.74 13.65 8.45
CA LEU A 41 15.07 12.32 8.98
C LEU A 41 16.53 12.22 9.44
N VAL A 42 16.73 11.81 10.69
CA VAL A 42 18.03 11.44 11.23
C VAL A 42 18.31 10.06 10.67
N LEU A 43 19.39 9.95 9.92
CA LEU A 43 19.76 8.68 9.30
C LEU A 43 20.09 7.67 10.41
N PRO A 44 19.58 6.44 10.30
CA PRO A 44 19.79 5.52 11.43
C PRO A 44 21.22 4.97 11.47
N ASN A 45 21.66 4.48 12.62
CA ASN A 45 22.74 3.52 12.65
C ASN A 45 22.12 2.18 12.31
N PHE A 46 22.69 1.49 11.34
CA PHE A 46 22.23 0.12 11.08
C PHE A 46 22.78 -0.79 12.15
N ILE A 47 22.21 -1.98 12.26
CA ILE A 47 22.54 -2.83 13.39
C ILE A 47 23.01 -4.18 12.91
N GLU A 48 24.13 -4.63 13.47
CA GLU A 48 24.71 -5.91 13.10
C GLU A 48 24.92 -6.76 14.34
N PHE A 49 24.42 -7.98 14.34
CA PHE A 49 24.49 -8.82 15.54
C PHE A 49 25.63 -9.81 15.37
N LYS A 50 26.58 -9.76 16.28
CA LYS A 50 27.81 -10.55 16.12
C LYS A 50 28.09 -11.37 17.36
N HIS A 51 29.33 -11.86 17.46
CA HIS A 51 29.88 -12.35 18.72
C HIS A 51 29.53 -11.28 19.75
N PRO A 52 29.37 -11.67 21.03
CA PRO A 52 28.63 -11.04 22.15
C PRO A 52 27.93 -9.68 21.96
N GLU A 53 28.24 -8.99 20.87
CA GLU A 53 27.94 -7.58 20.78
C GLU A 53 26.88 -7.22 19.74
N THR A 54 26.37 -6.01 19.88
CA THR A 54 25.47 -5.45 18.89
C THR A 54 26.20 -4.22 18.39
N LYS A 55 26.49 -4.22 17.10
CA LYS A 55 27.32 -3.16 16.55
C LYS A 55 26.44 -2.17 15.77
N MET A 56 26.56 -0.89 16.10
CA MET A 56 25.82 0.12 15.35
C MET A 56 26.73 0.60 14.25
N ILE A 57 26.20 0.60 13.03
CA ILE A 57 26.96 0.97 11.85
C ILE A 57 26.42 2.30 11.31
N PRO A 58 27.27 3.33 11.25
CA PRO A 58 26.86 4.62 10.73
C PRO A 58 26.32 4.48 9.31
N PHE A 59 25.14 5.03 9.06
CA PHE A 59 24.55 5.04 7.73
C PHE A 59 25.63 5.25 6.65
N GLU A 60 26.47 6.27 6.87
CA GLU A 60 27.45 6.73 5.88
C GLU A 60 28.60 5.75 5.60
N PHE A 61 28.82 4.80 6.51
CA PHE A 61 29.75 3.71 6.26
C PHE A 61 29.25 2.81 5.12
N LEU A 62 27.93 2.71 5.00
CA LEU A 62 27.32 1.86 3.99
C LEU A 62 26.79 2.58 2.76
N PHE A 63 26.15 3.72 2.98
CA PHE A 63 25.43 4.43 1.93
C PHE A 63 25.80 5.93 1.87
N GLN A 64 25.72 6.51 0.67
CA GLN A 64 26.08 7.91 0.42
C GLN A 64 24.96 8.87 0.84
N VAL A 65 25.32 9.81 1.70
CA VAL A 65 24.35 10.77 2.23
C VAL A 65 23.89 11.70 1.09
N GLY A 66 24.82 12.02 0.19
CA GLY A 66 24.55 12.91 -0.93
C GLY A 66 23.36 12.42 -1.74
N THR A 67 23.34 11.11 -1.99
CA THR A 67 22.31 10.50 -2.81
C THR A 67 20.95 10.43 -2.10
N VAL A 68 20.93 9.99 -0.85
CA VAL A 68 19.69 9.83 -0.13
C VAL A 68 19.04 11.22 0.10
N ALA A 69 19.87 12.25 0.23
CA ALA A 69 19.40 13.63 0.40
C ALA A 69 18.62 14.14 -0.80
N LYS A 70 18.82 13.49 -1.96
CA LYS A 70 18.06 13.86 -3.18
C LYS A 70 16.61 13.41 -3.09
N TYR A 71 16.33 12.48 -2.19
CA TYR A 71 14.96 12.05 -1.94
C TYR A 71 14.22 12.99 -0.98
N THR A 72 14.80 13.24 0.19
CA THR A 72 14.13 14.04 1.26
C THR A 72 15.20 14.60 2.17
N ARG A 73 14.82 15.59 3.00
CA ARG A 73 15.74 16.15 4.01
C ARG A 73 16.28 15.13 5.02
N VAL A 74 17.61 14.98 5.07
CA VAL A 74 18.27 14.09 6.01
C VAL A 74 19.41 14.75 6.81
N VAL A 75 19.68 14.23 8.00
CA VAL A 75 20.89 14.53 8.73
C VAL A 75 21.56 13.23 9.21
N THR A 76 22.89 13.22 9.24
CA THR A 76 23.61 12.06 9.77
C THR A 76 23.42 12.01 11.26
N MET A 77 23.59 10.82 11.83
CA MET A 77 23.51 10.66 13.28
C MET A 77 24.57 11.50 13.99
N GLN A 78 25.77 11.56 13.42
CA GLN A 78 26.84 12.44 13.93
C GLN A 78 26.37 13.89 14.04
N GLU A 79 25.72 14.39 12.99
CA GLU A 79 25.19 15.76 12.99
C GLU A 79 24.11 15.94 14.05
N PHE A 80 23.21 14.95 14.15
CA PHE A 80 22.12 15.00 15.14
C PHE A 80 22.67 15.09 16.55
N THR A 81 23.61 14.20 16.86
CA THR A 81 24.29 14.16 18.15
C THR A 81 25.06 15.46 18.49
N LYS A 82 25.64 16.09 17.47
CA LYS A 82 26.48 17.25 17.67
C LYS A 82 25.78 18.60 17.64
N LYS A 83 24.78 18.76 16.76
CA LYS A 83 24.23 20.09 16.49
C LYS A 83 22.75 20.23 16.86
N ILE A 84 21.99 19.17 16.58
CA ILE A 84 20.55 19.22 16.65
C ILE A 84 20.07 18.90 18.06
N MET A 85 20.53 17.77 18.56
CA MET A 85 20.19 17.26 19.89
C MET A 85 20.52 18.24 21.02
N PRO A 86 21.74 18.84 21.00
CA PRO A 86 22.06 19.79 22.08
C PRO A 86 21.24 21.09 22.06
N THR A 87 20.56 21.37 20.95
CA THR A 87 19.82 22.64 20.82
C THR A 87 18.31 22.51 20.70
N VAL A 88 17.83 21.36 20.21
CA VAL A 88 16.38 21.17 20.04
C VAL A 88 15.78 20.08 20.95
N TRP A 89 16.63 19.19 21.46
CA TRP A 89 16.16 17.99 22.16
C TRP A 89 16.85 17.77 23.52
N PRO A 90 16.66 18.71 24.48
CA PRO A 90 17.21 18.52 25.82
C PRO A 90 16.63 17.25 26.49
N PRO A 91 17.31 16.71 27.52
CA PRO A 91 16.90 15.44 28.11
C PRO A 91 15.46 15.37 28.63
N GLU A 92 14.90 16.49 29.09
CA GLU A 92 13.53 16.53 29.65
C GLU A 92 12.43 16.44 28.60
N LYS A 93 12.83 16.55 27.33
CA LYS A 93 11.90 16.47 26.22
C LYS A 93 12.03 15.15 25.44
N ARG A 94 12.94 14.28 25.88
CA ARG A 94 13.20 13.02 25.18
C ARG A 94 12.16 11.94 25.50
N LYS A 95 11.14 11.90 24.65
CA LYS A 95 10.09 10.91 24.75
C LYS A 95 10.19 9.89 23.62
N ALA A 96 9.82 8.64 23.91
CA ALA A 96 9.78 7.59 22.90
C ALA A 96 8.39 7.48 22.28
N PHE A 97 8.33 7.09 21.01
CA PHE A 97 7.07 6.90 20.29
C PHE A 97 6.91 5.45 19.83
N CYS A 98 5.74 4.90 20.10
CA CYS A 98 5.38 3.55 19.64
C CYS A 98 3.88 3.43 19.44
N TRP A 99 3.47 2.31 18.86
CA TRP A 99 2.06 2.10 18.47
C TRP A 99 1.12 2.18 19.67
N THR A 100 1.47 1.42 20.71
CA THR A 100 0.55 1.15 21.81
C THR A 100 1.38 0.70 23.01
N PRO A 101 0.89 0.93 24.25
CA PRO A 101 1.72 0.43 25.35
C PRO A 101 1.72 -1.09 25.44
N ARG A 102 2.88 -1.67 25.75
CA ARG A 102 2.94 -3.09 26.09
C ARG A 102 3.65 -3.32 27.43
N GLN A 103 3.46 -4.51 28.01
CA GLN A 103 4.17 -4.91 29.23
C GLN A 103 5.61 -5.29 28.95
N ALA A 104 6.44 -5.21 30.00
CA ALA A 104 7.86 -5.56 29.97
C ALA A 104 8.06 -7.04 29.62
N GLU A 111 4.97 -1.87 34.45
CA GLU A 111 4.15 -0.76 33.97
C GLU A 111 4.16 -0.63 32.44
N PRO A 112 2.99 -0.81 31.79
CA PRO A 112 2.98 -0.88 30.31
C PRO A 112 3.56 0.38 29.67
N GLY A 113 4.28 0.22 28.57
CA GLY A 113 4.86 1.35 27.85
C GLY A 113 5.51 0.94 26.56
N CYS A 114 6.36 1.80 26.02
CA CYS A 114 7.08 1.47 24.80
C CYS A 114 8.25 0.52 25.06
N HIS A 115 8.78 0.58 26.28
CA HIS A 115 9.96 -0.20 26.69
C HIS A 115 11.09 -0.14 25.67
N SER A 116 11.34 1.09 25.21
CA SER A 116 12.22 1.39 24.08
C SER A 116 13.65 0.93 24.29
N LYS A 117 14.04 0.75 25.55
CA LYS A 117 15.40 0.30 25.86
C LYS A 117 15.45 -1.07 26.54
N GLU A 118 14.34 -1.80 26.53
CA GLU A 118 14.37 -3.15 27.08
C GLU A 118 14.94 -4.13 26.05
N GLY A 119 16.08 -4.72 26.41
CA GLY A 119 16.68 -5.79 25.64
C GLY A 119 17.58 -5.37 24.49
N ASN A 120 17.71 -6.27 23.52
CA ASN A 120 18.66 -6.17 22.43
C ASN A 120 17.90 -6.25 21.12
N PRO A 121 18.12 -5.30 20.20
CA PRO A 121 19.09 -4.20 20.17
C PRO A 121 18.62 -2.88 20.80
N PHE A 122 17.42 -2.89 21.34
CA PHE A 122 16.74 -1.68 21.84
C PHE A 122 17.60 -0.82 22.76
N GLY A 123 18.08 -1.41 23.86
CA GLY A 123 18.91 -0.69 24.82
C GLY A 123 20.22 -0.12 24.23
N PRO A 124 21.03 -0.98 23.61
CA PRO A 124 22.30 -0.60 22.98
C PRO A 124 22.24 0.47 21.91
N TYR A 125 21.15 0.50 21.13
CA TYR A 125 21.00 1.47 20.07
C TYR A 125 20.90 2.87 20.66
N TRP A 126 20.03 3.03 21.65
CA TRP A 126 19.87 4.32 22.33
C TRP A 126 21.06 4.68 23.25
N ASP A 127 21.62 3.69 23.95
CA ASP A 127 22.87 3.90 24.71
C ASP A 127 23.96 4.50 23.85
N GLN A 128 24.05 4.03 22.60
CA GLN A 128 25.02 4.51 21.61
C GLN A 128 25.02 6.04 21.49
N ILE A 129 23.85 6.63 21.46
CA ILE A 129 23.72 8.09 21.35
C ILE A 129 23.30 8.76 22.66
N ASP A 130 23.52 8.05 23.77
CA ASP A 130 23.30 8.59 25.12
C ASP A 130 21.88 9.15 25.31
N VAL A 131 20.91 8.44 24.76
CA VAL A 131 19.52 8.78 24.95
C VAL A 131 18.93 7.90 26.03
N SER A 132 18.35 8.53 27.05
CA SER A 132 17.41 7.87 27.95
C SER A 132 16.06 8.57 27.82
N PHE A 133 14.99 7.80 27.82
CA PHE A 133 13.65 8.35 27.66
C PHE A 133 12.98 8.68 28.99
N VAL A 134 12.37 9.84 29.06
CA VAL A 134 11.70 10.28 30.27
C VAL A 134 10.19 10.01 30.28
N GLY A 135 9.64 9.59 29.13
CA GLY A 135 8.21 9.29 28.99
C GLY A 135 7.88 8.75 27.59
N ASP A 136 6.68 8.18 27.44
CA ASP A 136 6.23 7.60 26.17
C ASP A 136 5.05 8.31 25.54
N GLU A 137 5.00 8.28 24.22
CA GLU A 137 3.84 8.75 23.46
C GLU A 137 3.40 7.64 22.53
N TYR A 138 2.11 7.61 22.23
CA TYR A 138 1.53 6.56 21.39
C TYR A 138 0.84 7.19 20.18
N PHE A 139 1.00 6.56 19.03
CA PHE A 139 0.36 7.04 17.79
C PHE A 139 -0.59 6.01 17.19
N GLY A 140 -0.70 4.85 17.84
CA GLY A 140 -1.51 3.75 17.30
C GLY A 140 -2.99 4.07 17.31
N ASP A 141 -3.38 4.99 18.20
CA ASP A 141 -4.76 5.46 18.28
C ASP A 141 -5.17 6.35 17.11
N ILE A 142 -4.22 6.86 16.35
CA ILE A 142 -4.52 7.61 15.12
C ILE A 142 -4.96 6.62 14.04
N PRO A 143 -6.16 6.83 13.45
CA PRO A 143 -6.64 5.87 12.45
C PRO A 143 -5.68 5.77 11.28
N GLY A 144 -5.29 4.53 10.95
CA GLY A 144 -4.29 4.23 9.93
C GLY A 144 -2.85 4.32 10.40
N GLY A 145 -2.64 4.58 11.69
CA GLY A 145 -1.29 4.57 12.27
C GLY A 145 -0.31 5.43 11.51
N PHE A 146 0.73 4.82 10.95
CA PHE A 146 1.78 5.57 10.23
C PHE A 146 1.56 5.62 8.72
N ASP A 147 0.36 5.29 8.28
CA ASP A 147 0.00 5.38 6.86
C ASP A 147 -0.54 6.79 6.60
N LEU A 148 0.37 7.67 6.18
CA LEU A 148 0.04 9.07 5.98
C LEU A 148 -0.75 9.33 4.70
N ASN A 149 -0.91 8.29 3.87
CA ASN A 149 -1.74 8.40 2.68
C ASN A 149 -3.21 8.07 2.89
N GLN A 150 -3.56 7.69 4.11
CA GLN A 150 -4.97 7.71 4.46
C GLN A 150 -5.43 9.13 4.70
N MET A 151 -6.48 9.54 4.00
CA MET A 151 -7.02 10.89 4.11
C MET A 151 -7.24 11.24 5.58
N GLY A 152 -6.73 12.41 5.98
CA GLY A 152 -6.92 12.92 7.34
C GLY A 152 -5.86 12.48 8.34
N SER A 153 -5.08 11.47 8.01
CA SER A 153 -4.11 10.93 8.96
C SER A 153 -2.93 11.85 9.20
N ARG A 154 -2.46 12.51 8.15
CA ARG A 154 -1.38 13.51 8.26
C ARG A 154 -1.80 14.73 9.10
N LYS A 155 -2.99 15.23 8.84
CA LYS A 155 -3.53 16.34 9.61
C LYS A 155 -3.55 15.95 11.10
N LYS A 156 -4.09 14.76 11.39
CA LYS A 156 -4.11 14.21 12.74
C LYS A 156 -2.74 14.07 13.37
N TRP A 157 -1.73 13.63 12.60
CA TRP A 157 -0.35 13.60 13.13
C TRP A 157 0.13 14.99 13.55
N LEU A 158 -0.06 15.97 12.67
CA LEU A 158 0.40 17.35 12.94
C LEU A 158 -0.41 18.00 14.06
N GLU A 159 -1.63 17.53 14.27
CA GLU A 159 -2.45 18.01 15.38
C GLU A 159 -1.93 17.44 16.72
N LYS A 160 -1.60 16.16 16.74
CA LYS A 160 -1.27 15.47 17.99
C LYS A 160 0.18 15.71 18.44
N PHE A 161 1.11 15.78 17.50
CA PHE A 161 2.52 16.00 17.85
C PHE A 161 3.11 17.20 17.10
N PRO A 162 2.65 18.42 17.42
CA PRO A 162 3.17 19.61 16.73
C PRO A 162 4.64 19.80 17.03
N SER A 163 5.37 20.41 16.10
CA SER A 163 6.83 20.51 16.19
C SER A 163 7.30 21.37 17.36
N GLU A 164 6.46 22.32 17.79
CA GLU A 164 6.81 23.23 18.88
C GLU A 164 6.92 22.43 20.17
N GLU A 165 5.97 21.51 20.38
CA GLU A 165 5.95 20.70 21.59
C GLU A 165 6.81 19.45 21.44
N TYR A 166 6.84 18.90 20.24
CA TYR A 166 7.59 17.68 19.93
C TYR A 166 8.60 17.93 18.81
N PRO A 167 9.75 18.57 19.13
CA PRO A 167 10.74 18.84 18.10
C PRO A 167 11.36 17.59 17.50
N VAL A 168 11.30 16.47 18.22
CA VAL A 168 11.88 15.21 17.76
C VAL A 168 10.92 14.06 18.03
N LEU A 169 10.47 13.40 16.97
CA LEU A 169 9.71 12.18 17.13
C LEU A 169 10.69 11.03 17.15
N ALA A 170 10.80 10.37 18.30
CA ALA A 170 11.82 9.33 18.45
C ALA A 170 11.14 7.99 18.59
N PHE A 171 11.21 7.19 17.53
CA PHE A 171 10.44 5.95 17.44
C PHE A 171 11.20 4.74 17.94
N SER A 172 10.56 3.97 18.82
CA SER A 172 11.08 2.66 19.30
C SER A 172 11.44 1.63 18.21
N SER A 173 10.72 1.68 17.09
CA SER A 173 11.04 0.86 15.93
C SER A 173 10.69 1.66 14.69
N ALA A 174 10.99 1.15 13.51
CA ALA A 174 10.74 1.92 12.27
C ALA A 174 9.26 2.33 12.14
N PRO A 175 8.97 3.63 11.90
CA PRO A 175 7.57 3.95 11.62
C PRO A 175 7.17 3.64 10.19
N ALA A 176 7.19 2.34 9.83
CA ALA A 176 6.98 1.88 8.45
C ALA A 176 6.45 0.46 8.47
N PRO A 177 5.63 0.08 7.45
CA PRO A 177 5.17 -1.31 7.39
C PRO A 177 6.28 -2.29 7.07
N PHE A 178 6.08 -3.53 7.50
CA PHE A 178 6.94 -4.61 7.10
C PHE A 178 6.08 -5.83 6.73
N PRO A 179 6.25 -6.38 5.51
CA PRO A 179 7.18 -5.99 4.43
C PRO A 179 6.82 -4.67 3.75
N SER A 180 7.79 -4.05 3.07
CA SER A 180 7.59 -2.80 2.34
C SER A 180 6.47 -2.90 1.30
N LYS A 181 5.81 -1.77 1.10
CA LYS A 181 4.83 -1.64 0.05
C LYS A 181 5.55 -1.44 -1.29
N GLY A 182 4.89 -1.87 -2.37
CA GLY A 182 5.45 -1.78 -3.73
C GLY A 182 5.80 -0.35 -4.11
N LYS A 183 4.98 0.60 -3.63
CA LYS A 183 5.17 2.01 -3.93
C LYS A 183 6.48 2.58 -3.41
N VAL A 184 7.08 1.92 -2.42
CA VAL A 184 8.33 2.47 -1.83
C VAL A 184 9.61 1.83 -2.40
N TRP A 185 9.45 0.80 -3.22
CA TRP A 185 10.63 0.05 -3.69
C TRP A 185 11.59 0.94 -4.47
N SER A 186 11.03 1.78 -5.33
CA SER A 186 11.81 2.66 -6.20
C SER A 186 12.56 3.70 -5.40
N ILE A 187 12.18 3.87 -4.13
CA ILE A 187 12.94 4.80 -3.29
C ILE A 187 14.39 4.33 -3.13
N GLN A 188 14.68 3.04 -3.29
CA GLN A 188 16.08 2.68 -3.11
C GLN A 188 17.00 3.07 -4.26
N LYS A 189 16.41 3.68 -5.28
CA LYS A 189 17.20 4.46 -6.25
C LYS A 189 18.13 5.42 -5.51
N TYR A 190 17.66 5.87 -4.33
CA TYR A 190 18.37 6.88 -3.54
C TYR A 190 19.33 6.30 -2.51
N LEU A 191 19.49 4.97 -2.50
CA LEU A 191 20.52 4.33 -1.71
C LEU A 191 21.62 3.88 -2.64
N ARG A 192 22.81 4.44 -2.43
CA ARG A 192 23.99 4.13 -3.25
C ARG A 192 25.12 3.72 -2.32
N TRP A 193 25.76 2.59 -2.63
CA TRP A 193 26.84 2.07 -1.78
C TRP A 193 27.91 3.13 -1.64
N SER A 194 28.47 3.24 -0.44
CA SER A 194 29.64 4.08 -0.23
C SER A 194 30.74 3.62 -1.22
N SER A 195 31.64 4.54 -1.56
CA SER A 195 32.71 4.26 -2.52
C SER A 195 33.54 3.08 -2.05
N ARG A 196 33.72 2.98 -0.74
CA ARG A 196 34.53 1.93 -0.11
C ARG A 196 33.99 0.54 -0.47
N ILE A 197 32.71 0.35 -0.23
CA ILE A 197 32.00 -0.91 -0.54
C ILE A 197 32.02 -1.22 -2.04
N THR A 198 31.68 -0.23 -2.87
CA THR A 198 31.72 -0.43 -4.32
C THR A 198 33.13 -0.82 -4.79
N GLU A 199 34.16 -0.17 -4.25
CA GLU A 199 35.53 -0.57 -4.61
C GLU A 199 35.93 -1.99 -4.18
N GLN A 200 35.45 -2.43 -3.00
CA GLN A 200 35.67 -3.82 -2.57
C GLN A 200 34.99 -4.78 -3.56
N ALA A 201 33.74 -4.46 -3.95
CA ALA A 201 33.02 -5.25 -4.97
C ALA A 201 33.75 -5.31 -6.32
N LYS A 202 34.20 -4.15 -6.79
CA LYS A 202 34.88 -4.07 -8.09
C LYS A 202 36.15 -4.93 -8.13
N LYS A 203 36.94 -4.90 -7.05
CA LYS A 203 38.18 -5.68 -6.93
C LYS A 203 37.91 -7.18 -6.94
N PHE A 204 36.93 -7.61 -6.17
CA PHE A 204 36.61 -9.03 -6.15
C PHE A 204 36.21 -9.50 -7.57
N ILE A 205 35.38 -8.71 -8.22
CA ILE A 205 34.87 -9.04 -9.56
C ILE A 205 36.01 -9.13 -10.60
N SER A 206 36.87 -8.12 -10.66
CA SER A 206 37.99 -8.10 -11.62
C SER A 206 38.98 -9.24 -11.36
N ALA A 207 39.16 -9.64 -10.09
CA ALA A 207 40.13 -10.68 -9.73
C ALA A 207 39.61 -12.09 -9.98
N ASN A 208 38.31 -12.29 -9.76
CA ASN A 208 37.75 -13.64 -9.61
C ASN A 208 36.66 -14.04 -10.57
N LEU A 209 35.98 -13.07 -11.17
CA LEU A 209 34.74 -13.35 -11.90
C LEU A 209 34.81 -12.96 -13.35
N ALA A 210 35.23 -13.89 -14.21
CA ALA A 210 35.22 -13.66 -15.65
C ALA A 210 33.78 -13.36 -16.12
N LYS A 211 33.66 -12.37 -17.00
CA LYS A 211 32.33 -11.91 -17.42
C LYS A 211 31.83 -12.66 -18.67
N PRO A 212 30.50 -12.78 -18.82
CA PRO A 212 29.45 -12.32 -17.92
C PRO A 212 29.32 -13.26 -16.70
N PHE A 213 28.99 -12.72 -15.53
CA PHE A 213 28.83 -13.60 -14.36
C PHE A 213 27.41 -13.68 -13.82
N VAL A 214 27.07 -14.86 -13.32
CA VAL A 214 25.83 -15.04 -12.60
C VAL A 214 26.16 -14.95 -11.11
N ALA A 215 25.37 -14.16 -10.38
CA ALA A 215 25.45 -14.09 -8.91
C ALA A 215 24.22 -14.71 -8.34
N VAL A 216 24.42 -15.50 -7.28
CA VAL A 216 23.33 -16.22 -6.67
C VAL A 216 23.34 -15.96 -5.19
N HIS A 217 22.14 -15.87 -4.61
CA HIS A 217 22.03 -15.71 -3.17
C HIS A 217 21.51 -17.03 -2.60
N LEU A 218 22.31 -17.70 -1.77
CA LEU A 218 21.86 -18.94 -1.12
C LEU A 218 21.60 -18.67 0.35
N ARG A 219 20.30 -18.57 0.67
CA ARG A 219 19.81 -18.30 2.00
C ARG A 219 19.53 -19.65 2.66
N ASN A 220 20.35 -20.02 3.66
CA ASN A 220 20.26 -21.39 4.20
C ASN A 220 20.81 -21.58 5.60
N ASP A 221 20.98 -20.49 6.35
CA ASP A 221 21.23 -20.68 7.78
C ASP A 221 19.97 -21.27 8.49
N ALA A 222 20.14 -21.60 9.78
CA ALA A 222 19.16 -22.45 10.50
C ALA A 222 17.77 -21.83 10.72
N ASP A 223 17.68 -20.51 10.61
CA ASP A 223 16.45 -19.78 10.82
C ASP A 223 15.50 -19.92 9.64
N TRP A 224 16.04 -20.32 8.48
CA TRP A 224 15.25 -20.36 7.25
C TRP A 224 14.16 -21.44 7.19
N VAL A 225 14.39 -22.61 7.74
CA VAL A 225 13.39 -23.68 7.68
C VAL A 225 12.04 -23.17 8.19
N ARG A 226 12.06 -22.58 9.38
CA ARG A 226 10.86 -22.04 10.00
C ARG A 226 10.21 -20.99 9.11
N VAL A 227 11.02 -20.14 8.48
CA VAL A 227 10.51 -19.11 7.57
C VAL A 227 9.61 -19.74 6.50
N CYS A 228 10.11 -20.81 5.87
CA CYS A 228 9.44 -21.45 4.73
C CYS A 228 8.31 -22.39 5.15
N GLU A 229 8.28 -22.79 6.41
CA GLU A 229 7.14 -23.51 6.99
C GLU A 229 5.87 -22.66 6.98
N HIS A 230 6.04 -21.35 6.90
CA HIS A 230 4.94 -20.40 6.79
C HIS A 230 4.05 -20.61 5.57
N ILE A 231 4.58 -21.29 4.54
CA ILE A 231 3.89 -21.40 3.25
C ILE A 231 2.72 -22.36 3.27
N ASP A 232 1.55 -21.81 2.94
CA ASP A 232 0.31 -22.57 2.69
C ASP A 232 -0.28 -22.14 1.34
N THR A 233 -0.20 -23.01 0.35
CA THR A 233 -0.58 -22.67 -1.03
C THR A 233 -2.08 -22.38 -1.24
N THR A 234 -2.94 -22.89 -0.36
CA THR A 234 -4.39 -22.68 -0.48
C THR A 234 -4.81 -21.23 -0.23
N THR A 235 -4.04 -20.51 0.60
CA THR A 235 -4.35 -19.11 0.92
C THR A 235 -3.40 -18.12 0.25
N ASN A 236 -2.19 -18.58 -0.10
CA ASN A 236 -1.23 -17.83 -0.91
C ASN A 236 -0.99 -16.37 -0.49
N ARG A 237 -0.82 -16.15 0.82
CA ARG A 237 -0.55 -14.82 1.36
C ARG A 237 0.92 -14.42 1.13
N PRO A 238 1.19 -13.11 0.97
CA PRO A 238 2.58 -12.61 0.93
C PRO A 238 3.36 -13.08 2.15
N LEU A 239 4.64 -13.41 1.95
CA LEU A 239 5.55 -13.82 3.01
C LEU A 239 6.85 -13.05 2.84
N PHE A 240 7.12 -12.17 3.78
CA PHE A 240 8.29 -11.29 3.72
C PHE A 240 8.39 -10.60 2.36
N ALA A 241 9.44 -10.89 1.59
CA ALA A 241 9.72 -10.20 0.32
C ALA A 241 9.09 -10.82 -0.94
N SER A 242 8.25 -11.85 -0.76
CA SER A 242 7.73 -12.61 -1.89
C SER A 242 7.05 -11.79 -2.99
N GLU A 243 6.52 -10.63 -2.66
CA GLU A 243 5.87 -9.83 -3.69
C GLU A 243 6.88 -9.29 -4.71
N GLN A 244 8.17 -9.37 -4.38
CA GLN A 244 9.21 -8.98 -5.34
C GLN A 244 9.23 -9.87 -6.59
N CYS A 245 8.82 -11.13 -6.46
CA CYS A 245 8.75 -12.04 -7.62
C CYS A 245 7.32 -12.42 -8.04
N LEU A 246 6.37 -12.35 -7.12
CA LEU A 246 4.97 -12.67 -7.41
C LEU A 246 4.00 -11.47 -7.53
N GLY A 247 4.54 -10.26 -7.39
CA GLY A 247 3.69 -9.06 -7.41
C GLY A 247 2.90 -8.80 -6.13
N GLU A 248 2.49 -7.55 -5.94
CA GLU A 248 1.69 -7.18 -4.77
C GLU A 248 0.45 -8.08 -4.69
N GLY A 249 0.23 -8.66 -3.51
CA GLY A 249 -0.86 -9.60 -3.30
C GLY A 249 -0.74 -10.86 -4.15
N HIS A 250 0.48 -11.20 -4.55
CA HIS A 250 0.72 -12.41 -5.35
C HIS A 250 -0.22 -12.55 -6.56
N HIS A 251 -0.39 -11.46 -7.31
CA HIS A 251 -1.22 -11.47 -8.52
C HIS A 251 -0.60 -12.27 -9.67
N LEU A 252 0.69 -12.55 -9.58
CA LEU A 252 1.42 -13.27 -10.64
C LEU A 252 1.42 -14.79 -10.51
N GLY A 253 0.99 -15.30 -9.36
CA GLY A 253 1.04 -16.74 -9.12
C GLY A 253 1.17 -17.13 -7.66
N THR A 254 1.65 -18.36 -7.43
CA THR A 254 1.57 -19.02 -6.11
C THR A 254 2.95 -19.16 -5.45
N LEU A 255 3.09 -18.68 -4.22
CA LEU A 255 4.32 -18.92 -3.44
C LEU A 255 4.40 -20.40 -3.02
N THR A 256 5.53 -21.04 -3.31
CA THR A 256 5.71 -22.47 -3.05
C THR A 256 6.96 -22.69 -2.22
N LYS A 257 7.08 -23.89 -1.67
CA LYS A 257 8.29 -24.24 -0.93
C LYS A 257 9.51 -24.31 -1.85
N GLU A 258 9.29 -24.63 -3.14
CA GLU A 258 10.36 -24.59 -4.14
C GLU A 258 10.94 -23.20 -4.36
N ILE A 259 10.10 -22.18 -4.23
CA ILE A 259 10.56 -20.79 -4.30
C ILE A 259 11.30 -20.38 -3.01
N CYS A 260 10.68 -20.63 -1.85
CA CYS A 260 11.26 -20.26 -0.54
C CYS A 260 12.53 -21.02 -0.20
N SER A 261 12.49 -22.33 -0.41
CA SER A 261 13.57 -23.15 0.04
C SER A 261 13.88 -24.22 -1.00
N PRO A 262 14.49 -23.80 -2.12
CA PRO A 262 14.82 -24.82 -3.13
C PRO A 262 15.74 -25.92 -2.60
N SER A 263 15.50 -27.14 -3.06
CA SER A 263 16.36 -28.26 -2.71
C SER A 263 17.75 -28.05 -3.35
N LYS A 264 18.76 -28.72 -2.80
CA LYS A 264 20.11 -28.72 -3.39
C LYS A 264 20.08 -29.07 -4.87
N GLN A 265 19.34 -30.13 -5.22
CA GLN A 265 19.18 -30.53 -6.60
C GLN A 265 18.61 -29.39 -7.46
N GLN A 266 17.57 -28.75 -6.95
CA GLN A 266 16.90 -27.64 -7.64
C GLN A 266 17.84 -26.44 -7.76
N ILE A 267 18.60 -26.17 -6.72
CA ILE A 267 19.56 -25.07 -6.76
C ILE A 267 20.57 -25.29 -7.87
N LEU A 268 21.20 -26.46 -7.87
CA LEU A 268 22.24 -26.75 -8.85
C LEU A 268 21.67 -26.69 -10.27
N GLU A 269 20.47 -27.23 -10.46
CA GLU A 269 19.84 -27.29 -11.80
C GLU A 269 19.59 -25.88 -12.36
N GLN A 270 19.10 -25.00 -11.50
CA GLN A 270 18.78 -23.63 -11.87
C GLN A 270 20.02 -22.75 -12.08
N ILE A 271 21.08 -22.99 -11.33
CA ILE A 271 22.36 -22.31 -11.57
C ILE A 271 22.87 -22.71 -12.95
N VAL A 272 22.82 -23.99 -13.24
CA VAL A 272 23.26 -24.49 -14.55
C VAL A 272 22.44 -23.82 -15.66
N GLU A 273 21.12 -23.77 -15.47
CA GLU A 273 20.21 -23.16 -16.43
C GLU A 273 20.60 -21.70 -16.66
N LYS A 274 20.78 -20.96 -15.57
CA LYS A 274 21.06 -19.53 -15.67
C LYS A 274 22.44 -19.27 -16.27
N VAL A 275 23.42 -20.13 -15.95
CA VAL A 275 24.73 -20.06 -16.63
C VAL A 275 24.52 -20.18 -18.16
N GLY A 276 23.77 -21.20 -18.57
CA GLY A 276 23.50 -21.40 -20.00
C GLY A 276 22.71 -20.26 -20.64
N SER A 277 21.80 -19.65 -19.89
CA SER A 277 20.98 -18.53 -20.41
C SER A 277 21.77 -17.31 -20.86
N ILE A 278 22.93 -17.09 -20.23
CA ILE A 278 23.77 -15.93 -20.55
C ILE A 278 25.18 -16.25 -21.09
N GLY A 279 25.51 -17.54 -21.17
CA GLY A 279 26.86 -17.96 -21.57
C GLY A 279 27.85 -17.47 -20.52
N ALA A 280 27.47 -17.61 -19.25
CA ALA A 280 28.25 -17.15 -18.12
C ALA A 280 29.63 -17.81 -18.05
N LYS A 281 30.62 -17.03 -17.66
CA LYS A 281 31.98 -17.50 -17.57
C LYS A 281 32.42 -17.70 -16.14
N SER A 282 31.55 -17.33 -15.20
CA SER A 282 31.80 -17.56 -13.78
C SER A 282 30.50 -17.40 -13.00
N VAL A 283 30.51 -17.92 -11.78
CA VAL A 283 29.38 -17.76 -10.87
C VAL A 283 29.94 -17.23 -9.54
N PHE A 284 29.26 -16.23 -8.99
CA PHE A 284 29.47 -15.77 -7.63
C PHE A 284 28.38 -16.31 -6.74
N VAL A 285 28.75 -16.74 -5.53
CA VAL A 285 27.80 -17.18 -4.54
C VAL A 285 27.96 -16.36 -3.28
N ALA A 286 26.88 -15.71 -2.89
CA ALA A 286 26.75 -15.10 -1.57
C ALA A 286 25.90 -16.03 -0.73
N SER A 287 26.32 -16.33 0.49
CA SER A 287 25.51 -17.18 1.37
C SER A 287 25.70 -16.80 2.82
N ASP A 288 24.68 -17.06 3.63
CA ASP A 288 24.76 -16.88 5.09
C ASP A 288 25.37 -18.11 5.77
N LYS A 289 25.44 -19.21 5.05
CA LYS A 289 26.02 -20.42 5.64
C LYS A 289 26.75 -21.30 4.62
N ASP A 290 25.98 -22.03 3.80
CA ASP A 290 26.51 -23.03 2.88
C ASP A 290 26.56 -22.45 1.46
N HIS A 291 27.79 -22.11 1.02
CA HIS A 291 27.98 -21.50 -0.29
C HIS A 291 27.93 -22.57 -1.36
N MET A 292 27.95 -23.84 -0.94
CA MET A 292 27.82 -24.99 -1.86
C MET A 292 28.89 -24.98 -2.93
N ILE A 293 30.08 -24.48 -2.61
CA ILE A 293 31.08 -24.30 -3.65
C ILE A 293 31.49 -25.62 -4.31
N ASP A 294 31.77 -26.64 -3.50
CA ASP A 294 32.11 -27.95 -4.04
C ASP A 294 31.01 -28.54 -4.93
N GLU A 295 29.75 -28.51 -4.44
CA GLU A 295 28.61 -29.08 -5.19
C GLU A 295 28.37 -28.32 -6.49
N ILE A 296 28.44 -27.00 -6.41
CA ILE A 296 28.26 -26.18 -7.60
C ILE A 296 29.39 -26.42 -8.61
N ASN A 297 30.66 -26.39 -8.17
CA ASN A 297 31.78 -26.66 -9.09
C ASN A 297 31.67 -28.01 -9.76
N GLU A 298 31.18 -29.00 -9.02
CA GLU A 298 31.00 -30.34 -9.60
C GLU A 298 29.92 -30.27 -10.69
N ALA A 299 28.82 -29.56 -10.41
CA ALA A 299 27.73 -29.41 -11.36
C ALA A 299 28.14 -28.58 -12.61
N LEU A 300 29.04 -27.63 -12.40
CA LEU A 300 29.49 -26.74 -13.49
C LEU A 300 30.67 -27.29 -14.30
N LYS A 301 31.26 -28.38 -13.82
CA LYS A 301 32.46 -28.97 -14.46
C LYS A 301 32.26 -29.34 -15.94
N PRO A 302 31.09 -29.91 -16.32
CA PRO A 302 30.88 -30.19 -17.76
C PRO A 302 30.95 -28.95 -18.62
N TYR A 303 30.79 -27.78 -18.00
CA TYR A 303 30.71 -26.49 -18.69
C TYR A 303 31.98 -25.66 -18.51
N GLU A 304 32.96 -26.22 -17.79
CA GLU A 304 34.32 -25.65 -17.72
C GLU A 304 34.32 -24.23 -17.09
N ILE A 305 33.45 -24.02 -16.13
CA ILE A 305 33.49 -22.77 -15.37
C ILE A 305 33.40 -23.09 -13.89
N GLU A 306 33.68 -22.08 -13.06
CA GLU A 306 33.66 -22.29 -11.62
C GLU A 306 32.78 -21.29 -10.86
N ALA A 307 32.50 -21.64 -9.60
CA ALA A 307 31.83 -20.77 -8.64
C ALA A 307 32.89 -20.21 -7.67
N HIS A 308 32.64 -19.00 -7.19
CA HIS A 308 33.60 -18.27 -6.38
C HIS A 308 32.84 -17.61 -5.27
N ARG A 309 33.48 -17.50 -4.12
CA ARG A 309 32.91 -16.77 -2.99
C ARG A 309 33.96 -15.90 -2.35
N GLN A 310 33.48 -14.96 -1.54
CA GLN A 310 34.35 -14.13 -0.67
C GLN A 310 34.73 -14.91 0.58
N GLU A 311 35.95 -14.66 1.05
CA GLU A 311 36.50 -15.32 2.21
C GLU A 311 37.15 -14.27 3.14
N PRO A 312 36.45 -13.90 4.22
CA PRO A 312 35.07 -14.28 4.62
C PRO A 312 34.01 -13.63 3.73
N ASP A 313 32.77 -14.09 3.89
CA ASP A 313 31.65 -13.51 3.17
C ASP A 313 31.13 -12.30 3.96
N ASP A 314 31.50 -11.11 3.48
CA ASP A 314 31.05 -9.84 4.05
C ASP A 314 29.74 -9.52 3.39
N MET A 315 28.68 -9.38 4.19
CA MET A 315 27.30 -9.22 3.66
C MET A 315 27.10 -7.99 2.77
N TYR A 316 27.79 -6.90 3.09
CA TYR A 316 27.66 -5.66 2.30
C TYR A 316 28.38 -5.73 0.97
N THR A 317 29.63 -6.20 0.99
CA THR A 317 30.34 -6.44 -0.28
C THR A 317 29.57 -7.46 -1.12
N SER A 318 28.98 -8.45 -0.47
CA SER A 318 28.22 -9.47 -1.20
C SER A 318 27.00 -8.89 -1.92
N LEU A 319 26.22 -8.05 -1.22
CA LEU A 319 25.10 -7.32 -1.85
C LEU A 319 25.58 -6.47 -3.03
N ALA A 320 26.67 -5.74 -2.84
CA ALA A 320 27.25 -4.93 -3.91
C ALA A 320 27.68 -5.75 -5.11
N ILE A 321 28.37 -6.86 -4.91
CA ILE A 321 28.74 -7.79 -6.02
C ILE A 321 27.51 -8.31 -6.76
N MET A 322 26.50 -8.78 -6.02
CA MET A 322 25.27 -9.27 -6.66
C MET A 322 24.58 -8.15 -7.46
N GLY A 323 24.59 -6.93 -6.94
CA GLY A 323 24.07 -5.80 -7.73
C GLY A 323 24.79 -5.54 -9.05
N ARG A 324 26.09 -5.78 -9.07
CA ARG A 324 26.88 -5.62 -10.29
C ARG A 324 26.86 -6.82 -11.24
N ALA A 325 26.25 -7.93 -10.85
CA ALA A 325 26.22 -9.12 -11.71
C ALA A 325 25.56 -8.88 -13.05
N ASP A 326 25.98 -9.63 -14.07
CA ASP A 326 25.25 -9.63 -15.34
C ASP A 326 23.86 -10.22 -15.17
N LEU A 327 23.76 -11.22 -14.30
CA LEU A 327 22.46 -11.81 -13.97
C LEU A 327 22.51 -12.23 -12.50
N PHE A 328 21.46 -11.87 -11.79
CA PHE A 328 21.32 -12.18 -10.38
C PHE A 328 20.20 -13.19 -10.25
N VAL A 329 20.46 -14.28 -9.54
CA VAL A 329 19.41 -15.21 -9.13
C VAL A 329 19.27 -15.13 -7.61
N GLY A 330 18.13 -14.66 -7.16
CA GLY A 330 17.94 -14.42 -5.72
C GLY A 330 16.94 -15.37 -5.11
N ASN A 331 16.74 -15.20 -3.81
CA ASN A 331 15.72 -15.95 -3.13
C ASN A 331 14.55 -14.99 -2.94
N CYS A 332 13.41 -15.34 -3.53
CA CYS A 332 12.26 -14.43 -3.57
C CYS A 332 11.65 -14.03 -2.21
N VAL A 333 11.77 -14.89 -1.20
CA VAL A 333 11.23 -14.61 0.13
C VAL A 333 12.16 -13.67 0.94
N SER A 334 13.45 -13.70 0.61
CA SER A 334 14.47 -12.98 1.34
C SER A 334 14.47 -11.48 1.09
N THR A 335 14.38 -10.69 2.18
CA THR A 335 14.50 -9.22 2.08
C THR A 335 15.95 -8.83 1.77
N PHE A 336 16.90 -9.69 2.13
CA PHE A 336 18.32 -9.50 1.73
C PHE A 336 18.44 -9.55 0.19
N SER A 337 17.91 -10.60 -0.43
CA SER A 337 17.76 -10.63 -1.90
C SER A 337 16.97 -9.42 -2.39
N HIS A 338 15.92 -9.01 -1.66
CA HIS A 338 15.13 -7.85 -2.11
C HIS A 338 15.98 -6.56 -2.31
N ILE A 339 16.98 -6.37 -1.48
CA ILE A 339 17.92 -5.24 -1.65
C ILE A 339 18.57 -5.31 -3.03
N VAL A 340 19.03 -6.50 -3.40
CA VAL A 340 19.70 -6.65 -4.69
C VAL A 340 18.69 -6.38 -5.82
N LYS A 341 17.53 -7.03 -5.74
CA LYS A 341 16.48 -6.83 -6.73
C LYS A 341 16.19 -5.33 -6.91
N ARG A 342 16.04 -4.60 -5.81
CA ARG A 342 15.66 -3.21 -5.94
C ARG A 342 16.78 -2.31 -6.50
N GLU A 343 18.03 -2.67 -6.19
CA GLU A 343 19.20 -1.98 -6.75
C GLU A 343 19.25 -2.23 -8.25
N ARG A 344 19.08 -3.49 -8.65
CA ARG A 344 19.09 -3.84 -10.07
C ARG A 344 17.96 -3.17 -10.84
N ASP A 345 16.79 -3.08 -10.21
CA ASP A 345 15.63 -2.41 -10.82
C ASP A 345 15.82 -0.89 -10.97
N HIS A 346 16.31 -0.24 -9.91
CA HIS A 346 16.18 1.23 -9.75
C HIS A 346 17.47 2.03 -9.63
N ALA A 347 18.56 1.39 -9.24
CA ALA A 347 19.76 2.16 -8.92
C ALA A 347 20.34 2.78 -10.18
N GLY A 348 20.32 2.02 -11.27
CA GLY A 348 21.08 2.36 -12.46
C GLY A 348 20.38 3.22 -13.49
N GLN A 349 21.13 3.47 -14.57
CA GLN A 349 20.64 4.11 -15.78
C GLN A 349 19.34 3.44 -16.24
N SER A 350 19.38 2.11 -16.30
CA SER A 350 18.25 1.27 -16.67
C SER A 350 18.30 -0.04 -15.84
N PRO A 351 17.16 -0.76 -15.69
CA PRO A 351 17.12 -2.02 -14.92
C PRO A 351 18.03 -3.13 -15.49
N ARG A 352 18.69 -3.84 -14.58
CA ARG A 352 19.51 -5.03 -14.90
C ARG A 352 18.70 -6.26 -14.51
N PRO A 353 18.76 -7.35 -15.32
CA PRO A 353 17.91 -8.53 -15.16
C PRO A 353 18.11 -9.28 -13.84
N SER A 354 17.01 -9.70 -13.24
CA SER A 354 17.03 -10.59 -12.08
C SER A 354 16.11 -11.77 -12.26
N ALA A 355 16.43 -12.87 -11.59
CA ALA A 355 15.59 -14.05 -11.60
C ALA A 355 15.55 -14.55 -10.17
N PHE A 356 14.69 -15.53 -9.88
CA PHE A 356 14.65 -16.12 -8.53
C PHE A 356 14.55 -17.63 -8.67
N PHE A 357 15.00 -18.35 -7.64
CA PHE A 357 14.79 -19.80 -7.59
C PHE A 357 13.29 -20.14 -7.61
N GLY A 358 12.92 -21.16 -8.39
CA GLY A 358 11.54 -21.66 -8.38
C GLY A 358 10.50 -20.85 -9.14
N ILE A 359 10.89 -19.74 -9.76
CA ILE A 359 9.98 -18.87 -10.54
C ILE A 359 10.46 -18.76 -11.98
N ARG A 360 9.54 -18.89 -12.93
CA ARG A 360 9.89 -18.83 -14.35
C ARG A 360 9.85 -17.39 -14.86
N THR B 5 -23.66 -22.82 7.48
CA THR B 5 -23.05 -21.48 7.68
C THR B 5 -21.52 -21.60 7.73
N ASP B 6 -20.84 -20.50 7.44
CA ASP B 6 -19.38 -20.42 7.43
C ASP B 6 -18.81 -20.57 8.85
N PRO B 7 -18.09 -21.69 9.12
CA PRO B 7 -17.48 -21.91 10.43
C PRO B 7 -16.36 -20.91 10.73
N ASN B 8 -15.91 -20.20 9.70
CA ASN B 8 -14.87 -19.17 9.87
C ASN B 8 -15.45 -17.81 10.28
N GLY B 9 -16.77 -17.70 10.20
CA GLY B 9 -17.45 -16.47 10.57
C GLY B 9 -17.73 -15.54 9.41
N TYR B 10 -18.20 -14.34 9.77
CA TYR B 10 -18.68 -13.35 8.82
C TYR B 10 -18.13 -11.98 9.14
N ILE B 11 -18.22 -11.09 8.17
CA ILE B 11 -17.87 -9.70 8.35
C ILE B 11 -19.04 -8.89 7.79
N VAL B 12 -19.53 -7.92 8.56
CA VAL B 12 -20.53 -6.94 8.12
C VAL B 12 -20.02 -5.54 8.50
N PHE B 13 -20.35 -4.54 7.71
CA PHE B 13 -19.81 -3.19 7.92
C PHE B 13 -20.74 -2.13 7.35
N CYS B 14 -20.63 -0.91 7.87
CA CYS B 14 -21.37 0.21 7.34
C CYS B 14 -20.42 0.98 6.43
N PRO B 15 -20.82 1.21 5.17
CA PRO B 15 -20.03 2.10 4.31
C PRO B 15 -20.33 3.53 4.75
N CYS B 16 -19.83 3.86 5.94
CA CYS B 16 -20.30 5.00 6.68
C CYS B 16 -19.46 6.24 6.39
N MET B 17 -18.50 6.13 5.47
CA MET B 17 -17.74 7.30 5.07
C MET B 17 -18.10 7.76 3.67
N GLY B 18 -18.61 8.99 3.58
CA GLY B 18 -18.76 9.66 2.31
C GLY B 18 -19.87 9.13 1.42
N ARG B 19 -19.82 9.56 0.17
CA ARG B 19 -20.84 9.27 -0.82
C ARG B 19 -20.38 8.11 -1.70
N PHE B 20 -21.10 7.83 -2.78
CA PHE B 20 -20.98 6.54 -3.46
C PHE B 20 -19.56 6.14 -3.87
N GLY B 21 -18.82 7.08 -4.47
CA GLY B 21 -17.43 6.82 -4.86
C GLY B 21 -16.59 6.39 -3.68
N ASN B 22 -16.69 7.15 -2.60
CA ASN B 22 -15.98 6.87 -1.35
C ASN B 22 -16.36 5.47 -0.82
N GLN B 23 -17.65 5.18 -0.82
CA GLN B 23 -18.12 3.87 -0.37
C GLN B 23 -17.60 2.70 -1.20
N VAL B 24 -17.63 2.84 -2.52
CA VAL B 24 -17.18 1.77 -3.43
C VAL B 24 -15.68 1.64 -3.32
N ASP B 25 -15.01 2.77 -3.16
CA ASP B 25 -13.56 2.75 -3.05
C ASP B 25 -13.12 1.93 -1.82
N GLN B 26 -13.79 2.14 -0.69
CA GLN B 26 -13.46 1.37 0.51
C GLN B 26 -13.94 -0.10 0.42
N PHE B 27 -15.05 -0.33 -0.27
CA PHE B 27 -15.62 -1.68 -0.46
C PHE B 27 -14.65 -2.64 -1.18
N LEU B 28 -13.93 -2.15 -2.18
CA LEU B 28 -12.90 -2.94 -2.86
C LEU B 28 -11.87 -3.40 -1.81
N GLY B 29 -11.53 -2.50 -0.90
CA GLY B 29 -10.58 -2.80 0.18
C GLY B 29 -11.13 -3.82 1.17
N VAL B 30 -12.42 -3.73 1.45
CA VAL B 30 -13.09 -4.67 2.36
C VAL B 30 -13.16 -6.05 1.72
N LEU B 31 -13.42 -6.12 0.42
CA LEU B 31 -13.38 -7.41 -0.28
C LEU B 31 -12.00 -8.06 -0.12
N ALA B 32 -10.95 -7.27 -0.29
CA ALA B 32 -9.57 -7.76 -0.05
C ALA B 32 -9.34 -8.24 1.41
N PHE B 33 -9.92 -7.50 2.35
CA PHE B 33 -9.83 -7.80 3.78
C PHE B 33 -10.59 -9.09 4.13
N ALA B 34 -11.82 -9.23 3.64
CA ALA B 34 -12.60 -10.45 3.86
C ALA B 34 -11.88 -11.67 3.31
N LYS B 35 -11.39 -11.57 2.07
CA LYS B 35 -10.71 -12.70 1.44
C LYS B 35 -9.51 -13.09 2.28
N ALA B 36 -8.77 -12.08 2.74
CA ALA B 36 -7.54 -12.26 3.49
C ALA B 36 -7.76 -12.92 4.86
N LEU B 37 -8.78 -12.47 5.59
CA LEU B 37 -9.16 -13.08 6.88
C LEU B 37 -9.78 -14.49 6.75
N ASP B 38 -10.32 -14.77 5.57
CA ASP B 38 -11.11 -15.97 5.28
C ASP B 38 -12.49 -16.02 5.98
N ARG B 39 -13.17 -14.88 6.06
CA ARG B 39 -14.59 -14.88 6.46
C ARG B 39 -15.49 -14.49 5.29
N THR B 40 -16.75 -14.93 5.35
CA THR B 40 -17.77 -14.54 4.38
C THR B 40 -18.15 -13.08 4.62
N LEU B 41 -18.15 -12.30 3.53
CA LEU B 41 -18.47 -10.88 3.62
C LEU B 41 -19.96 -10.69 3.40
N VAL B 42 -20.63 -10.01 4.34
CA VAL B 42 -22.00 -9.58 4.10
C VAL B 42 -21.91 -8.36 3.19
N LEU B 43 -22.60 -8.42 2.05
CA LEU B 43 -22.60 -7.30 1.10
C LEU B 43 -23.37 -6.11 1.72
N PRO B 44 -22.76 -4.91 1.69
CA PRO B 44 -23.35 -3.76 2.38
C PRO B 44 -24.62 -3.23 1.72
N ASN B 45 -25.47 -2.54 2.49
CA ASN B 45 -26.40 -1.60 1.87
C ASN B 45 -25.57 -0.34 1.62
N PHE B 46 -25.63 0.18 0.39
CA PHE B 46 -25.01 1.44 0.09
C PHE B 46 -25.92 2.56 0.57
N ILE B 47 -25.30 3.69 0.83
CA ILE B 47 -26.01 4.80 1.41
C ILE B 47 -26.10 5.94 0.39
N GLU B 48 -27.33 6.40 0.21
CA GLU B 48 -27.64 7.54 -0.65
C GLU B 48 -28.36 8.59 0.18
N PHE B 49 -27.77 9.77 0.23
CA PHE B 49 -28.30 10.85 1.06
C PHE B 49 -29.43 11.59 0.33
N LYS B 50 -30.66 11.15 0.64
CA LYS B 50 -31.94 11.73 0.18
C LYS B 50 -31.85 12.68 -1.01
N PRO B 52 -35.48 13.91 1.54
CA PRO B 52 -36.52 13.57 2.52
C PRO B 52 -36.10 12.43 3.46
N GLU B 53 -35.35 11.45 2.95
CA GLU B 53 -35.13 10.18 3.64
C GLU B 53 -33.84 9.50 3.13
N THR B 54 -32.91 9.17 4.04
CA THR B 54 -31.69 8.43 3.66
C THR B 54 -32.04 7.04 3.15
N LYS B 55 -31.59 6.74 1.94
CA LYS B 55 -31.86 5.46 1.30
C LYS B 55 -30.74 4.45 1.51
N MET B 56 -31.12 3.27 1.99
CA MET B 56 -30.23 2.14 2.08
C MET B 56 -30.55 1.28 0.88
N ILE B 57 -29.53 1.09 0.04
CA ILE B 57 -29.72 0.40 -1.22
C ILE B 57 -29.02 -0.94 -1.16
N PRO B 58 -29.79 -2.04 -1.24
CA PRO B 58 -29.11 -3.35 -1.28
C PRO B 58 -28.06 -3.42 -2.38
N PHE B 59 -26.91 -4.00 -2.04
CA PHE B 59 -25.88 -4.29 -3.02
C PHE B 59 -26.44 -4.85 -4.34
N GLU B 60 -27.23 -5.91 -4.24
CA GLU B 60 -27.81 -6.58 -5.41
C GLU B 60 -28.72 -5.70 -6.29
N PHE B 61 -29.20 -4.58 -5.74
CA PHE B 61 -30.00 -3.64 -6.52
C PHE B 61 -29.12 -2.93 -7.56
N LEU B 62 -27.83 -2.84 -7.27
CA LEU B 62 -26.88 -2.12 -8.10
C LEU B 62 -25.89 -3.02 -8.82
N PHE B 63 -25.52 -4.13 -8.17
CA PHE B 63 -24.41 -4.96 -8.62
C PHE B 63 -24.83 -6.44 -8.57
N GLN B 64 -24.20 -7.27 -9.40
CA GLN B 64 -24.54 -8.70 -9.47
C GLN B 64 -23.82 -9.52 -8.40
N VAL B 65 -24.59 -10.21 -7.56
CA VAL B 65 -24.01 -11.05 -6.51
C VAL B 65 -23.14 -12.18 -7.12
N GLY B 66 -23.65 -12.84 -8.16
CA GLY B 66 -22.89 -13.89 -8.85
C GLY B 66 -21.47 -13.49 -9.16
N THR B 67 -21.30 -12.32 -9.76
CA THR B 67 -19.98 -11.85 -10.22
C THR B 67 -19.02 -11.53 -9.09
N VAL B 68 -19.51 -10.84 -8.06
CA VAL B 68 -18.65 -10.52 -6.92
C VAL B 68 -18.28 -11.78 -6.11
N ALA B 69 -19.16 -12.78 -6.15
CA ALA B 69 -18.88 -14.09 -5.53
C ALA B 69 -17.70 -14.84 -6.18
N LYS B 70 -17.35 -14.47 -7.41
CA LYS B 70 -16.15 -15.01 -8.07
C LYS B 70 -14.86 -14.61 -7.34
N TYR B 71 -14.87 -13.47 -6.65
CA TYR B 71 -13.69 -12.98 -5.96
C TYR B 71 -13.49 -13.60 -4.57
N THR B 72 -14.55 -13.62 -3.78
CA THR B 72 -14.47 -14.19 -2.42
C THR B 72 -15.87 -14.55 -1.95
N ARG B 73 -15.97 -15.33 -0.87
CA ARG B 73 -17.27 -15.76 -0.35
C ARG B 73 -18.09 -14.58 0.15
N VAL B 74 -19.35 -14.49 -0.29
CA VAL B 74 -20.22 -13.37 0.06
C VAL B 74 -21.62 -13.90 0.33
N VAL B 75 -22.39 -13.14 1.10
CA VAL B 75 -23.85 -13.33 1.19
C VAL B 75 -24.50 -11.95 1.11
N THR B 76 -25.76 -11.90 0.66
CA THR B 76 -26.51 -10.64 0.69
C THR B 76 -26.84 -10.28 2.12
N MET B 77 -27.11 -9.00 2.34
CA MET B 77 -27.70 -8.53 3.61
C MET B 77 -29.02 -9.25 3.88
N GLN B 78 -29.86 -9.39 2.85
CA GLN B 78 -31.10 -10.14 2.98
C GLN B 78 -30.89 -11.58 3.46
N GLU B 79 -29.95 -12.31 2.85
CA GLU B 79 -29.70 -13.69 3.29
C GLU B 79 -29.12 -13.74 4.70
N PHE B 80 -28.26 -12.77 5.00
CA PHE B 80 -27.70 -12.63 6.34
C PHE B 80 -28.81 -12.29 7.33
N THR B 81 -29.55 -11.24 7.02
CA THR B 81 -30.57 -10.66 7.89
C THR B 81 -31.71 -11.64 8.20
N LYS B 82 -31.87 -12.63 7.31
CA LYS B 82 -33.00 -13.56 7.37
C LYS B 82 -32.58 -14.99 7.70
N LYS B 83 -31.44 -15.45 7.17
CA LYS B 83 -31.05 -16.85 7.32
C LYS B 83 -29.78 -17.14 8.15
N ILE B 84 -28.86 -16.18 8.27
CA ILE B 84 -27.65 -16.37 9.07
C ILE B 84 -27.76 -15.79 10.48
N MET B 85 -28.22 -14.53 10.57
CA MET B 85 -28.33 -13.82 11.85
C MET B 85 -29.08 -14.55 12.97
N PRO B 86 -30.24 -15.18 12.66
CA PRO B 86 -31.02 -15.82 13.74
C PRO B 86 -30.23 -16.81 14.60
N THR B 87 -29.44 -17.67 13.96
CA THR B 87 -28.73 -18.73 14.67
C THR B 87 -27.31 -18.33 15.11
N VAL B 88 -26.59 -17.64 14.24
CA VAL B 88 -25.16 -17.37 14.41
C VAL B 88 -24.89 -16.08 15.19
N TRP B 89 -25.78 -15.11 15.05
CA TRP B 89 -25.56 -13.79 15.65
C TRP B 89 -26.77 -13.23 16.37
N PRO B 90 -27.20 -13.90 17.48
CA PRO B 90 -28.35 -13.44 18.25
C PRO B 90 -28.04 -12.11 18.95
N PRO B 91 -29.08 -11.30 19.23
CA PRO B 91 -28.96 -9.95 19.82
C PRO B 91 -27.90 -9.81 20.92
N GLU B 92 -27.85 -10.77 21.84
CA GLU B 92 -26.92 -10.69 22.97
C GLU B 92 -25.45 -10.87 22.56
N LYS B 93 -25.20 -11.23 21.30
CA LYS B 93 -23.83 -11.44 20.80
C LYS B 93 -23.36 -10.35 19.85
N ARG B 94 -24.13 -9.29 19.71
CA ARG B 94 -23.88 -8.29 18.68
C ARG B 94 -22.99 -7.17 19.17
N LYS B 95 -21.70 -7.32 18.87
CA LYS B 95 -20.70 -6.32 19.22
C LYS B 95 -20.14 -5.59 18.01
N ALA B 96 -19.82 -4.32 18.24
CA ALA B 96 -19.29 -3.44 17.23
C ALA B 96 -17.76 -3.43 17.30
N PHE B 97 -17.13 -3.20 16.16
CA PHE B 97 -15.68 -3.17 16.03
C PHE B 97 -15.22 -1.87 15.39
N CYS B 98 -14.29 -1.20 16.06
CA CYS B 98 -13.73 0.01 15.54
C CYS B 98 -12.26 0.11 15.95
N TRP B 99 -11.56 1.10 15.41
CA TRP B 99 -10.12 1.21 15.64
C TRP B 99 -9.79 1.39 17.11
N THR B 100 -10.51 2.31 17.74
CA THR B 100 -10.17 2.78 19.08
C THR B 100 -11.38 3.46 19.72
N PRO B 101 -11.50 3.40 21.06
CA PRO B 101 -12.63 4.09 21.71
C PRO B 101 -12.54 5.63 21.60
N ARG B 102 -13.60 6.26 21.11
CA ARG B 102 -13.67 7.71 21.01
C ARG B 102 -14.71 8.29 21.96
N GLN B 103 -14.50 9.53 22.37
CA GLN B 103 -15.43 10.23 23.24
C GLN B 103 -16.73 10.45 22.53
N ALA B 104 -17.83 10.28 23.24
CA ALA B 104 -19.16 10.57 22.71
C ALA B 104 -19.16 11.98 22.13
N ILE B 105 -19.71 12.12 20.93
CA ILE B 105 -19.89 13.46 20.36
C ILE B 105 -21.24 14.03 20.84
N TYR B 106 -22.27 13.20 20.88
CA TYR B 106 -23.63 13.66 21.15
C TYR B 106 -24.24 13.00 22.38
N GLU B 111 -18.70 6.16 29.00
CA GLU B 111 -19.32 6.31 27.69
C GLU B 111 -18.38 6.32 26.47
N PRO B 112 -17.05 6.11 26.65
CA PRO B 112 -16.21 6.10 25.44
C PRO B 112 -16.37 4.80 24.67
N GLY B 113 -16.25 4.86 23.35
CA GLY B 113 -16.37 3.64 22.54
C GLY B 113 -16.46 3.86 21.06
N CYS B 114 -17.01 2.86 20.37
CA CYS B 114 -17.18 2.92 18.93
C CYS B 114 -18.28 3.87 18.50
N HIS B 115 -19.30 3.98 19.36
CA HIS B 115 -20.48 4.79 19.09
C HIS B 115 -20.99 4.56 17.66
N SER B 116 -21.12 3.28 17.30
CA SER B 116 -21.44 2.89 15.93
C SER B 116 -22.81 3.37 15.48
N LYS B 117 -23.67 3.71 16.44
CA LYS B 117 -25.00 4.18 16.12
C LYS B 117 -25.22 5.64 16.50
N GLU B 118 -24.11 6.33 16.78
CA GLU B 118 -24.15 7.76 17.11
C GLU B 118 -24.17 8.61 15.83
N GLY B 119 -25.21 9.43 15.69
CA GLY B 119 -25.35 10.31 14.55
C GLY B 119 -25.69 9.66 13.22
N ASN B 120 -25.72 10.47 12.17
CA ASN B 120 -26.19 10.04 10.85
C ASN B 120 -25.02 9.90 9.86
N PRO B 121 -25.03 8.86 8.98
CA PRO B 121 -26.06 7.83 8.79
C PRO B 121 -25.83 6.56 9.62
N PHE B 122 -24.92 6.64 10.59
CA PHE B 122 -24.49 5.51 11.43
C PHE B 122 -25.71 4.78 12.04
N GLY B 123 -26.53 5.54 12.77
CA GLY B 123 -27.75 5.00 13.36
C GLY B 123 -28.70 4.38 12.35
N PRO B 124 -29.09 5.15 11.31
CA PRO B 124 -29.96 4.67 10.24
C PRO B 124 -29.47 3.40 9.57
N TYR B 125 -28.17 3.28 9.32
CA TYR B 125 -27.68 2.07 8.68
C TYR B 125 -28.00 0.83 9.48
N TRP B 126 -27.67 0.85 10.76
CA TRP B 126 -27.88 -0.31 11.62
C TRP B 126 -29.33 -0.49 12.04
N ASP B 127 -30.07 0.61 12.17
CA ASP B 127 -31.53 0.54 12.34
C ASP B 127 -32.19 -0.25 11.21
N GLN B 128 -31.66 -0.09 9.99
CA GLN B 128 -32.22 -0.75 8.82
C GLN B 128 -32.32 -2.27 9.00
N ILE B 129 -31.33 -2.84 9.66
CA ILE B 129 -31.31 -4.28 9.94
C ILE B 129 -31.66 -4.55 11.40
N ASP B 130 -32.23 -3.54 12.08
CA ASP B 130 -32.61 -3.60 13.49
C ASP B 130 -31.54 -4.21 14.38
N VAL B 131 -30.31 -3.73 14.23
CA VAL B 131 -29.17 -4.15 15.04
C VAL B 131 -28.83 -3.10 16.08
N SER B 132 -28.77 -3.54 17.34
CA SER B 132 -28.22 -2.72 18.42
C SER B 132 -27.02 -3.47 18.95
N PHE B 133 -25.97 -2.72 19.28
CA PHE B 133 -24.76 -3.30 19.83
C PHE B 133 -24.78 -3.28 21.34
N VAL B 134 -24.35 -4.38 21.92
CA VAL B 134 -24.39 -4.57 23.36
C VAL B 134 -23.05 -4.23 23.98
N GLY B 135 -22.03 -4.10 23.13
CA GLY B 135 -20.64 -3.87 23.56
C GLY B 135 -19.70 -3.58 22.39
N ASP B 136 -18.51 -3.08 22.70
CA ASP B 136 -17.54 -2.73 21.67
C ASP B 136 -16.27 -3.56 21.72
N GLU B 137 -15.66 -3.75 20.55
CA GLU B 137 -14.37 -4.41 20.42
C GLU B 137 -13.46 -3.51 19.59
N TYR B 138 -12.15 -3.59 19.87
CA TYR B 138 -11.16 -2.68 19.27
C TYR B 138 -10.01 -3.44 18.63
N PHE B 139 -9.60 -2.99 17.44
CA PHE B 139 -8.57 -3.69 16.66
C PHE B 139 -7.33 -2.83 16.37
N GLY B 140 -7.37 -1.56 16.75
CA GLY B 140 -6.32 -0.61 16.42
C GLY B 140 -5.04 -0.78 17.21
N ASP B 141 -5.07 -1.65 18.22
CA ASP B 141 -3.88 -1.96 19.01
C ASP B 141 -3.03 -3.04 18.33
N ILE B 142 -3.66 -3.80 17.43
CA ILE B 142 -2.93 -4.68 16.52
C ILE B 142 -2.10 -3.80 15.57
N PRO B 143 -0.76 -3.98 15.56
CA PRO B 143 0.08 -3.18 14.67
C PRO B 143 -0.35 -3.31 13.21
N GLY B 144 -0.55 -2.15 12.58
CA GLY B 144 -1.09 -2.09 11.21
C GLY B 144 -2.61 -2.08 11.09
N GLY B 145 -3.31 -2.28 12.21
CA GLY B 145 -4.76 -2.28 12.22
C GLY B 145 -5.32 -3.31 11.24
N PHE B 146 -6.10 -2.84 10.27
CA PHE B 146 -6.72 -3.74 9.29
C PHE B 146 -5.85 -4.01 8.05
N ASP B 147 -4.59 -3.58 8.08
CA ASP B 147 -3.64 -3.98 7.02
C ASP B 147 -3.20 -5.42 7.26
N LEU B 148 -3.89 -6.36 6.60
CA LEU B 148 -3.61 -7.78 6.79
C LEU B 148 -2.29 -8.26 6.20
N ASN B 149 -1.67 -7.40 5.41
CA ASN B 149 -0.34 -7.66 4.82
C ASN B 149 0.84 -7.32 5.73
N GLN B 150 0.61 -6.52 6.77
CA GLN B 150 1.67 -6.28 7.75
C GLN B 150 2.00 -7.61 8.47
N MET B 151 3.29 -7.91 8.63
CA MET B 151 3.74 -9.15 9.23
C MET B 151 3.14 -9.37 10.61
N GLY B 152 2.60 -10.57 10.83
CA GLY B 152 2.00 -10.95 12.12
C GLY B 152 0.57 -10.50 12.37
N SER B 153 0.07 -9.59 11.55
CA SER B 153 -1.24 -9.00 11.81
C SER B 153 -2.43 -9.91 11.53
N ARG B 154 -2.34 -10.71 10.47
CA ARG B 154 -3.36 -11.71 10.22
C ARG B 154 -3.46 -12.64 11.42
N LYS B 155 -2.30 -13.07 11.90
CA LYS B 155 -2.21 -13.96 13.04
C LYS B 155 -2.81 -13.35 14.30
N LYS B 156 -2.57 -12.06 14.53
CA LYS B 156 -3.15 -11.40 15.70
C LYS B 156 -4.68 -11.28 15.58
N TRP B 157 -5.17 -11.00 14.37
CA TRP B 157 -6.61 -10.94 14.11
C TRP B 157 -7.33 -12.24 14.46
N LEU B 158 -6.81 -13.36 13.97
CA LEU B 158 -7.39 -14.70 14.22
C LEU B 158 -7.23 -15.16 15.67
N GLU B 159 -6.18 -14.67 16.34
CA GLU B 159 -5.96 -14.96 17.76
C GLU B 159 -6.82 -14.11 18.68
N LYS B 160 -7.05 -12.84 18.30
CA LYS B 160 -7.81 -11.92 19.11
C LYS B 160 -9.32 -12.17 18.95
N PHE B 161 -9.76 -12.49 17.74
CA PHE B 161 -11.19 -12.64 17.43
C PHE B 161 -11.56 -13.99 16.76
N PRO B 162 -11.36 -15.12 17.49
CA PRO B 162 -11.68 -16.40 16.88
C PRO B 162 -13.16 -16.57 16.56
N SER B 163 -13.44 -17.34 15.51
CA SER B 163 -14.78 -17.56 14.97
C SER B 163 -15.80 -18.09 15.97
N GLU B 164 -15.36 -18.98 16.86
CA GLU B 164 -16.26 -19.58 17.88
C GLU B 164 -16.79 -18.49 18.80
N GLU B 165 -15.89 -17.63 19.26
CA GLU B 165 -16.23 -16.53 20.16
C GLU B 165 -16.86 -15.35 19.45
N TYR B 166 -16.36 -15.05 18.24
CA TYR B 166 -16.83 -13.91 17.47
C TYR B 166 -17.24 -14.38 16.07
N PRO B 167 -18.48 -14.88 15.93
CA PRO B 167 -18.94 -15.33 14.61
C PRO B 167 -19.10 -14.20 13.59
N VAL B 168 -19.39 -12.98 14.06
CA VAL B 168 -19.62 -11.83 13.18
C VAL B 168 -18.81 -10.62 13.66
N LEU B 169 -17.87 -10.16 12.83
CA LEU B 169 -17.18 -8.89 13.06
C LEU B 169 -17.96 -7.81 12.35
N ALA B 170 -18.57 -6.94 13.14
CA ALA B 170 -19.48 -5.93 12.65
C ALA B 170 -18.76 -4.60 12.82
N PHE B 171 -18.32 -4.01 11.70
CA PHE B 171 -17.45 -2.83 11.73
C PHE B 171 -18.25 -1.55 11.61
N SER B 172 -18.00 -0.61 12.52
CA SER B 172 -18.64 0.70 12.50
C SER B 172 -18.42 1.46 11.19
N SER B 173 -17.23 1.31 10.60
CA SER B 173 -16.93 1.84 9.26
C SER B 173 -16.12 0.80 8.50
N ALA B 174 -15.96 0.97 7.20
CA ALA B 174 -15.23 0.00 6.36
C ALA B 174 -13.84 -0.30 6.95
N PRO B 175 -13.47 -1.58 7.11
CA PRO B 175 -12.08 -1.85 7.52
C PRO B 175 -11.10 -1.83 6.32
N ALA B 176 -10.98 -0.67 5.68
CA ALA B 176 -10.18 -0.54 4.47
C ALA B 176 -9.72 0.90 4.36
N PRO B 177 -8.54 1.11 3.75
CA PRO B 177 -7.98 2.44 3.63
C PRO B 177 -8.76 3.28 2.64
N PHE B 178 -8.71 4.59 2.85
CA PHE B 178 -9.22 5.53 1.89
C PHE B 178 -8.23 6.69 1.77
N PRO B 179 -7.78 7.04 0.54
CA PRO B 179 -8.16 6.37 -0.70
C PRO B 179 -7.61 4.95 -0.86
N SER B 180 -8.20 4.20 -1.78
CA SER B 180 -7.83 2.82 -1.99
C SER B 180 -6.42 2.69 -2.55
N LYS B 181 -5.78 1.58 -2.19
CA LYS B 181 -4.44 1.21 -2.65
C LYS B 181 -4.47 0.66 -4.07
N GLY B 182 -3.38 0.88 -4.82
CA GLY B 182 -3.30 0.37 -6.19
C GLY B 182 -3.67 -1.08 -6.32
N LYS B 183 -3.28 -1.88 -5.33
CA LYS B 183 -3.44 -3.33 -5.40
C LYS B 183 -4.90 -3.82 -5.39
N VAL B 184 -5.85 -2.97 -4.94
CA VAL B 184 -7.27 -3.35 -4.95
C VAL B 184 -8.09 -2.85 -6.14
N TRP B 185 -7.52 -1.97 -6.95
CA TRP B 185 -8.23 -1.41 -8.09
C TRP B 185 -8.82 -2.49 -9.02
N SER B 186 -8.03 -3.51 -9.33
CA SER B 186 -8.46 -4.57 -10.26
C SER B 186 -9.53 -5.49 -9.69
N ILE B 187 -9.84 -5.34 -8.40
CA ILE B 187 -10.94 -6.08 -7.77
C ILE B 187 -12.31 -5.61 -8.29
N GLN B 188 -12.38 -4.38 -8.81
CA GLN B 188 -13.60 -3.89 -9.44
C GLN B 188 -13.99 -4.65 -10.74
N LYS B 189 -13.04 -5.39 -11.31
CA LYS B 189 -13.38 -6.42 -12.30
C LYS B 189 -14.54 -7.33 -11.82
N TYR B 190 -14.70 -7.43 -10.51
CA TYR B 190 -15.74 -8.25 -9.93
C TYR B 190 -17.02 -7.49 -9.59
N LEU B 191 -17.02 -6.19 -9.88
CA LEU B 191 -18.22 -5.36 -9.80
C LEU B 191 -18.83 -5.18 -11.19
N ARG B 192 -20.02 -5.74 -11.34
CA ARG B 192 -20.80 -5.68 -12.58
C ARG B 192 -22.16 -5.12 -12.25
N TRP B 193 -22.61 -4.16 -13.06
CA TRP B 193 -23.92 -3.56 -12.89
C TRP B 193 -25.04 -4.58 -13.00
N SER B 194 -26.06 -4.40 -12.17
CA SER B 194 -27.27 -5.21 -12.24
C SER B 194 -27.85 -5.06 -13.63
N SER B 195 -28.65 -6.05 -14.03
CA SER B 195 -29.26 -6.02 -15.35
C SER B 195 -30.06 -4.74 -15.51
N ARG B 196 -30.79 -4.36 -14.46
CA ARG B 196 -31.67 -3.22 -14.53
C ARG B 196 -30.93 -1.91 -14.80
N ILE B 197 -29.79 -1.71 -14.14
CA ILE B 197 -28.97 -0.51 -14.34
C ILE B 197 -28.44 -0.47 -15.77
N THR B 198 -27.93 -1.61 -16.24
CA THR B 198 -27.42 -1.75 -17.60
C THR B 198 -28.51 -1.51 -18.64
N GLU B 199 -29.73 -1.95 -18.38
CA GLU B 199 -30.86 -1.72 -19.29
C GLU B 199 -31.30 -0.25 -19.31
N GLN B 200 -31.25 0.40 -18.16
CA GLN B 200 -31.57 1.83 -18.07
C GLN B 200 -30.59 2.63 -18.92
N ALA B 201 -29.31 2.29 -18.80
CA ALA B 201 -28.21 2.90 -19.54
C ALA B 201 -28.40 2.71 -21.05
N LYS B 202 -28.59 1.45 -21.46
CA LYS B 202 -28.80 1.10 -22.86
C LYS B 202 -29.99 1.89 -23.43
N LYS B 203 -31.07 1.95 -22.65
CA LYS B 203 -32.31 2.63 -23.06
C LYS B 203 -32.06 4.11 -23.32
N PHE B 204 -31.33 4.75 -22.42
CA PHE B 204 -30.98 6.16 -22.59
C PHE B 204 -30.07 6.34 -23.81
N ILE B 205 -29.08 5.45 -23.96
CA ILE B 205 -28.18 5.50 -25.13
C ILE B 205 -28.93 5.42 -26.46
N SER B 206 -29.73 4.38 -26.65
CA SER B 206 -30.40 4.20 -27.93
C SER B 206 -31.46 5.27 -28.22
N ALA B 207 -31.95 5.95 -27.17
CA ALA B 207 -32.96 7.00 -27.33
C ALA B 207 -32.38 8.38 -27.58
N ASN B 208 -31.18 8.63 -27.04
CA ASN B 208 -30.62 10.00 -26.99
C ASN B 208 -29.18 10.22 -27.49
N LEU B 209 -28.39 9.15 -27.61
CA LEU B 209 -27.01 9.37 -28.06
C LEU B 209 -26.50 8.49 -29.21
N ALA B 210 -26.50 9.04 -30.42
CA ALA B 210 -25.93 8.35 -31.57
C ALA B 210 -24.45 8.02 -31.31
N LYS B 211 -24.04 6.83 -31.73
CA LYS B 211 -22.66 6.32 -31.54
C LYS B 211 -21.77 6.68 -32.74
N PRO B 212 -20.44 6.78 -32.53
CA PRO B 212 -19.78 6.75 -31.22
C PRO B 212 -20.07 8.02 -30.43
N PHE B 213 -20.06 7.91 -29.09
CA PHE B 213 -20.23 9.08 -28.22
C PHE B 213 -19.11 9.22 -27.19
N VAL B 214 -18.78 10.48 -26.86
CA VAL B 214 -17.86 10.78 -25.76
C VAL B 214 -18.72 11.03 -24.53
N ALA B 215 -18.41 10.34 -23.44
CA ALA B 215 -19.02 10.63 -22.13
C ALA B 215 -18.04 11.37 -21.24
N VAL B 216 -18.52 12.43 -20.61
CA VAL B 216 -17.66 13.26 -19.76
C VAL B 216 -18.24 13.34 -18.35
N HIS B 217 -17.36 13.34 -17.35
CA HIS B 217 -17.74 13.60 -15.97
C HIS B 217 -17.29 15.01 -15.61
N LEU B 218 -18.25 15.87 -15.30
CA LEU B 218 -17.98 17.21 -14.84
C LEU B 218 -18.33 17.31 -13.36
N ARG B 219 -17.29 17.29 -12.52
CA ARG B 219 -17.45 17.35 -11.08
C ARG B 219 -17.32 18.82 -10.68
N ASN B 220 -18.45 19.42 -10.30
CA ASN B 220 -18.49 20.86 -10.09
C ASN B 220 -19.52 21.42 -9.11
N ASP B 221 -20.14 20.56 -8.30
CA ASP B 221 -20.98 21.07 -7.20
C ASP B 221 -20.13 21.87 -6.17
N ALA B 222 -20.80 22.53 -5.24
CA ALA B 222 -20.19 23.51 -4.34
C ALA B 222 -19.04 22.99 -3.48
N ASP B 223 -18.99 21.69 -3.24
CA ASP B 223 -17.96 21.13 -2.38
C ASP B 223 -16.61 21.03 -3.07
N TRP B 224 -16.61 20.94 -4.41
CA TRP B 224 -15.37 20.67 -5.16
C TRP B 224 -14.26 21.72 -4.98
N VAL B 225 -14.61 23.00 -4.99
CA VAL B 225 -13.60 24.06 -4.78
C VAL B 225 -12.74 23.87 -3.50
N ARG B 226 -13.35 23.36 -2.44
CA ARG B 226 -12.61 23.02 -1.21
C ARG B 226 -11.73 21.78 -1.40
N VAL B 227 -12.22 20.82 -2.18
CA VAL B 227 -11.47 19.61 -2.42
C VAL B 227 -10.12 19.96 -3.09
N CYS B 228 -10.15 20.87 -4.05
CA CYS B 228 -8.97 21.20 -4.87
C CYS B 228 -8.05 22.31 -4.32
N GLU B 229 -8.48 23.03 -3.29
CA GLU B 229 -7.81 24.28 -2.91
C GLU B 229 -6.39 24.16 -2.34
N HIS B 230 -6.00 22.98 -1.88
CA HIS B 230 -4.68 22.81 -1.23
C HIS B 230 -3.51 22.47 -2.18
N ILE B 231 -3.81 22.20 -3.45
CA ILE B 231 -2.81 21.64 -4.37
C ILE B 231 -1.54 22.48 -4.43
N ASP B 232 -0.41 21.78 -4.31
CA ASP B 232 0.88 22.40 -4.12
C ASP B 232 1.95 21.57 -4.82
N THR B 233 2.41 22.04 -5.99
CA THR B 233 3.31 21.25 -6.82
C THR B 233 4.68 20.96 -6.18
N THR B 234 5.04 21.71 -5.14
CA THR B 234 6.32 21.48 -4.44
C THR B 234 6.28 20.25 -3.52
N THR B 235 5.09 19.82 -3.11
CA THR B 235 4.94 18.64 -2.23
C THR B 235 4.18 17.47 -2.88
N ASN B 236 3.29 17.78 -3.83
CA ASN B 236 2.75 16.79 -4.76
C ASN B 236 2.27 15.48 -4.12
N ARG B 237 1.53 15.60 -3.01
CA ARG B 237 0.99 14.41 -2.33
C ARG B 237 -0.33 13.94 -2.97
N PRO B 238 -0.62 12.62 -2.91
CA PRO B 238 -1.89 12.07 -3.38
C PRO B 238 -3.12 12.79 -2.81
N LEU B 239 -4.11 13.04 -3.67
CA LEU B 239 -5.37 13.62 -3.23
C LEU B 239 -6.50 12.78 -3.78
N PHE B 240 -7.28 12.19 -2.87
CA PHE B 240 -8.38 11.30 -3.22
C PHE B 240 -7.93 10.32 -4.31
N ALA B 241 -8.60 10.32 -5.47
CA ALA B 241 -8.32 9.33 -6.52
C ALA B 241 -7.17 9.69 -7.47
N SER B 242 -6.37 10.73 -7.15
CA SER B 242 -5.38 11.25 -8.11
C SER B 242 -4.34 10.24 -8.62
N GLU B 243 -4.17 9.14 -7.89
CA GLU B 243 -3.21 8.11 -8.30
C GLU B 243 -3.70 7.26 -9.47
N GLN B 244 -4.96 7.45 -9.86
CA GLN B 244 -5.51 6.76 -11.02
C GLN B 244 -4.92 7.30 -12.32
N CYS B 245 -4.44 8.54 -12.30
CA CYS B 245 -3.86 9.12 -13.52
C CYS B 245 -2.37 9.37 -13.36
N LEU B 246 -1.93 9.47 -12.11
CA LEU B 246 -0.56 9.85 -11.81
C LEU B 246 0.25 8.73 -11.18
N GLY B 247 -0.42 7.60 -10.93
CA GLY B 247 0.24 6.40 -10.43
C GLY B 247 0.37 6.49 -8.92
N GLU B 248 0.54 5.35 -8.26
CA GLU B 248 0.76 5.33 -6.80
C GLU B 248 1.93 6.25 -6.41
N GLY B 249 1.68 7.14 -5.46
CA GLY B 249 2.69 8.11 -4.99
C GLY B 249 3.11 9.11 -6.05
N HIS B 250 2.24 9.29 -7.05
CA HIS B 250 2.49 10.17 -8.19
C HIS B 250 3.85 9.96 -8.87
N HIS B 251 4.22 8.68 -9.10
CA HIS B 251 5.51 8.35 -9.73
C HIS B 251 5.55 8.79 -11.20
N LEU B 252 4.37 8.99 -11.79
CA LEU B 252 4.25 9.41 -13.19
C LEU B 252 4.37 10.91 -13.41
N GLY B 253 3.97 11.70 -12.42
CA GLY B 253 4.02 13.16 -12.60
C GLY B 253 3.49 14.00 -11.46
N THR B 254 3.13 15.24 -11.81
CA THR B 254 2.76 16.27 -10.86
C THR B 254 1.26 16.55 -10.93
N LEU B 255 0.60 16.53 -9.78
CA LEU B 255 -0.81 16.95 -9.69
C LEU B 255 -0.87 18.47 -9.79
N THR B 256 -1.81 18.95 -10.59
CA THR B 256 -2.00 20.38 -10.80
C THR B 256 -3.43 20.77 -10.48
N LYS B 257 -3.66 22.07 -10.30
CA LYS B 257 -5.02 22.61 -10.20
C LYS B 257 -5.79 22.41 -11.50
N GLU B 258 -5.10 22.47 -12.63
CA GLU B 258 -5.69 22.22 -13.95
C GLU B 258 -6.30 20.81 -14.05
N ILE B 259 -5.70 19.86 -13.32
CA ILE B 259 -6.22 18.49 -13.26
C ILE B 259 -7.45 18.45 -12.35
N CYS B 260 -7.33 19.02 -11.16
CA CYS B 260 -8.40 18.93 -10.15
C CYS B 260 -9.64 19.71 -10.55
N SER B 261 -9.43 20.95 -10.94
CA SER B 261 -10.52 21.84 -11.28
C SER B 261 -10.24 22.54 -12.61
N PRO B 262 -10.51 21.86 -13.74
CA PRO B 262 -10.33 22.51 -15.04
C PRO B 262 -11.34 23.65 -15.20
N SER B 263 -10.88 24.77 -15.73
CA SER B 263 -11.78 25.90 -16.03
C SER B 263 -12.75 25.49 -17.14
N LYS B 264 -13.79 26.29 -17.35
CA LYS B 264 -14.73 26.07 -18.44
C LYS B 264 -13.99 25.93 -19.77
N GLN B 265 -12.96 26.74 -19.96
CA GLN B 265 -12.26 26.82 -21.24
C GLN B 265 -11.49 25.55 -21.58
N GLN B 266 -10.81 24.99 -20.60
CA GLN B 266 -10.04 23.76 -20.78
C GLN B 266 -10.95 22.55 -20.99
N ILE B 267 -12.05 22.51 -20.24
CA ILE B 267 -13.06 21.47 -20.39
C ILE B 267 -13.52 21.42 -21.85
N LEU B 268 -13.94 22.58 -22.36
CA LEU B 268 -14.44 22.71 -23.72
C LEU B 268 -13.40 22.34 -24.77
N GLU B 269 -12.18 22.83 -24.61
CA GLU B 269 -11.10 22.54 -25.55
C GLU B 269 -10.80 21.03 -25.61
N GLN B 270 -10.70 20.39 -24.44
CA GLN B 270 -10.46 18.93 -24.40
C GLN B 270 -11.62 18.13 -24.96
N ILE B 271 -12.85 18.51 -24.63
CA ILE B 271 -14.04 17.85 -25.19
C ILE B 271 -14.02 17.84 -26.73
N VAL B 272 -13.78 19.01 -27.32
CA VAL B 272 -13.74 19.17 -28.78
C VAL B 272 -12.65 18.28 -29.42
N GLU B 273 -11.50 18.19 -28.75
CA GLU B 273 -10.40 17.32 -29.15
C GLU B 273 -10.83 15.84 -29.25
N LYS B 274 -11.52 15.35 -28.23
CA LYS B 274 -11.93 13.95 -28.16
C LYS B 274 -13.04 13.62 -29.16
N VAL B 275 -13.98 14.55 -29.31
CA VAL B 275 -15.05 14.44 -30.31
C VAL B 275 -14.45 14.27 -31.71
N GLY B 276 -13.57 15.21 -32.08
CA GLY B 276 -12.80 15.13 -33.32
C GLY B 276 -11.95 13.88 -33.42
N SER B 277 -11.32 13.51 -32.30
CA SER B 277 -10.43 12.33 -32.24
C SER B 277 -11.09 11.00 -32.66
N ILE B 278 -12.28 10.73 -32.14
CA ILE B 278 -12.99 9.50 -32.51
C ILE B 278 -14.13 9.72 -33.51
N GLY B 279 -14.27 10.96 -33.97
CA GLY B 279 -15.39 11.35 -34.85
C GLY B 279 -16.75 11.06 -34.24
N ALA B 280 -17.01 11.65 -33.06
CA ALA B 280 -18.20 11.31 -32.27
C ALA B 280 -19.47 11.87 -32.89
N LYS B 281 -20.59 11.20 -32.65
CA LYS B 281 -21.88 11.64 -33.20
C LYS B 281 -22.78 12.31 -32.15
N SER B 282 -22.37 12.23 -30.88
CA SER B 282 -23.05 12.89 -29.77
C SER B 282 -22.12 12.93 -28.55
N VAL B 283 -22.48 13.73 -27.55
CA VAL B 283 -21.71 13.78 -26.29
C VAL B 283 -22.66 13.55 -25.10
N PHE B 284 -22.19 12.76 -24.14
CA PHE B 284 -22.93 12.56 -22.91
C PHE B 284 -22.22 13.26 -21.77
N VAL B 285 -22.97 14.05 -21.02
CA VAL B 285 -22.44 14.64 -19.80
C VAL B 285 -23.14 14.10 -18.56
N ALA B 286 -22.31 13.64 -17.62
CA ALA B 286 -22.73 13.35 -16.26
C ALA B 286 -22.18 14.46 -15.38
N SER B 287 -23.03 15.11 -14.59
CA SER B 287 -22.56 16.10 -13.63
C SER B 287 -23.34 16.04 -12.35
N ASP B 288 -22.68 16.47 -11.26
CA ASP B 288 -23.35 16.70 -9.98
C ASP B 288 -24.04 18.04 -9.91
N LYS B 289 -23.67 18.95 -10.80
CA LYS B 289 -24.30 20.27 -10.86
C LYS B 289 -24.43 20.79 -12.29
N ASP B 290 -23.38 21.44 -12.78
CA ASP B 290 -23.40 22.11 -14.08
C ASP B 290 -22.96 21.15 -15.19
N HIS B 291 -23.93 20.67 -15.97
CA HIS B 291 -23.65 19.78 -17.11
C HIS B 291 -23.09 20.54 -18.31
N MET B 292 -23.19 21.87 -18.29
CA MET B 292 -22.65 22.74 -19.36
C MET B 292 -23.17 22.44 -20.77
N ILE B 293 -24.41 21.98 -20.87
CA ILE B 293 -25.01 21.60 -22.14
C ILE B 293 -24.94 22.74 -23.18
N ASP B 294 -25.41 23.92 -22.80
CA ASP B 294 -25.45 25.07 -23.69
C ASP B 294 -24.04 25.48 -24.17
N GLU B 295 -23.10 25.51 -23.24
CA GLU B 295 -21.70 25.85 -23.53
C GLU B 295 -21.04 24.83 -24.48
N ILE B 296 -21.24 23.55 -24.20
CA ILE B 296 -20.74 22.46 -25.04
C ILE B 296 -21.38 22.47 -26.42
N ASN B 297 -22.71 22.55 -26.47
CA ASN B 297 -23.41 22.65 -27.74
C ASN B 297 -22.81 23.78 -28.59
N GLU B 298 -22.54 24.91 -27.95
CA GLU B 298 -21.94 26.07 -28.62
C GLU B 298 -20.53 25.75 -29.13
N ALA B 299 -19.69 25.12 -28.30
CA ALA B 299 -18.34 24.70 -28.70
C ALA B 299 -18.37 23.61 -29.78
N LEU B 300 -19.43 22.80 -29.79
CA LEU B 300 -19.58 21.73 -30.79
C LEU B 300 -20.28 22.19 -32.07
N LYS B 301 -20.53 23.48 -32.22
CA LYS B 301 -21.21 24.01 -33.40
C LYS B 301 -20.55 23.65 -34.75
N PRO B 302 -19.18 23.60 -34.81
CA PRO B 302 -18.56 23.28 -36.11
C PRO B 302 -18.80 21.83 -36.55
N TYR B 303 -19.06 20.96 -35.57
CA TYR B 303 -19.32 19.54 -35.82
C TYR B 303 -20.83 19.33 -35.88
N ILE B 305 -22.83 18.34 -34.03
CA ILE B 305 -23.37 17.39 -33.07
C ILE B 305 -23.73 18.06 -31.74
N GLU B 306 -24.46 17.36 -30.88
CA GLU B 306 -24.90 17.94 -29.62
C GLU B 306 -24.59 17.06 -28.40
N ALA B 307 -24.58 17.70 -27.23
CA ALA B 307 -24.39 17.06 -25.94
C ALA B 307 -25.74 16.77 -25.29
N HIS B 308 -25.81 15.69 -24.50
CA HIS B 308 -27.02 15.32 -23.80
C HIS B 308 -26.73 14.91 -22.36
N ARG B 309 -27.74 15.04 -21.51
CA ARG B 309 -27.66 14.62 -20.10
C ARG B 309 -28.96 13.89 -19.75
N GLN B 310 -28.92 13.14 -18.66
CA GLN B 310 -30.12 12.51 -18.11
C GLN B 310 -30.91 13.55 -17.31
N GLU B 311 -32.22 13.51 -17.47
CA GLU B 311 -33.12 14.34 -16.66
C GLU B 311 -34.03 13.43 -15.81
N PRO B 312 -33.83 13.39 -14.48
CA PRO B 312 -32.70 14.00 -13.77
C PRO B 312 -31.49 13.09 -13.85
N ASP B 313 -30.33 13.61 -13.44
CA ASP B 313 -29.10 12.86 -13.49
C ASP B 313 -29.10 11.79 -12.40
N ASP B 314 -29.35 10.55 -12.81
CA ASP B 314 -29.28 9.44 -11.90
C ASP B 314 -27.83 8.96 -11.86
N MET B 315 -27.23 9.01 -10.67
CA MET B 315 -25.79 8.74 -10.52
C MET B 315 -25.37 7.34 -11.01
N TYR B 316 -26.18 6.33 -10.73
CA TYR B 316 -25.83 4.95 -11.12
C TYR B 316 -25.94 4.72 -12.62
N THR B 317 -27.03 5.18 -13.22
CA THR B 317 -27.12 5.00 -14.66
C THR B 317 -26.13 5.93 -15.37
N SER B 318 -25.72 7.02 -14.71
CA SER B 318 -24.67 7.88 -15.25
C SER B 318 -23.29 7.19 -15.31
N LEU B 319 -22.88 6.56 -14.20
CA LEU B 319 -21.65 5.76 -14.18
C LEU B 319 -21.64 4.64 -15.25
N ALA B 320 -22.79 3.98 -15.36
CA ALA B 320 -22.98 2.87 -16.31
C ALA B 320 -22.83 3.33 -17.76
N ILE B 321 -23.43 4.49 -18.07
CA ILE B 321 -23.37 5.09 -19.42
C ILE B 321 -21.94 5.50 -19.75
N MET B 322 -21.23 6.04 -18.75
CA MET B 322 -19.85 6.46 -18.93
C MET B 322 -18.92 5.26 -19.12
N GLY B 323 -19.23 4.17 -18.43
CA GLY B 323 -18.48 2.93 -18.58
C GLY B 323 -18.67 2.31 -19.95
N ARG B 324 -19.85 2.59 -20.56
CA ARG B 324 -20.23 1.99 -21.86
C ARG B 324 -19.90 2.93 -23.02
N ALA B 325 -19.24 4.05 -22.73
CA ALA B 325 -18.95 5.06 -23.73
C ALA B 325 -17.84 4.59 -24.65
N ASP B 326 -17.86 5.06 -25.89
CA ASP B 326 -16.76 4.83 -26.82
C ASP B 326 -15.51 5.48 -26.29
N LEU B 327 -15.69 6.59 -25.60
CA LEU B 327 -14.58 7.28 -24.96
C LEU B 327 -15.08 8.07 -23.75
N PHE B 328 -14.31 7.94 -22.66
CA PHE B 328 -14.58 8.60 -21.40
C PHE B 328 -13.48 9.61 -21.05
N VAL B 329 -13.89 10.78 -20.57
CA VAL B 329 -12.96 11.74 -20.02
C VAL B 329 -13.45 12.14 -18.61
N GLY B 330 -12.64 11.83 -17.62
CA GLY B 330 -13.01 12.03 -16.23
C GLY B 330 -12.15 13.02 -15.47
N ASN B 331 -12.49 13.19 -14.19
CA ASN B 331 -11.75 14.03 -13.30
C ASN B 331 -10.83 13.15 -12.47
N CYS B 332 -9.53 13.36 -12.60
CA CYS B 332 -8.56 12.45 -11.97
C CYS B 332 -8.68 12.41 -10.45
N VAL B 333 -9.08 13.52 -9.82
CA VAL B 333 -9.15 13.57 -8.37
C VAL B 333 -10.39 12.82 -7.83
N SER B 334 -11.42 12.70 -8.66
CA SER B 334 -12.73 12.16 -8.23
C SER B 334 -12.80 10.64 -8.14
N THR B 335 -13.28 10.13 -7.01
CA THR B 335 -13.48 8.68 -6.84
C THR B 335 -14.69 8.18 -7.59
N PHE B 336 -15.58 9.11 -7.96
CA PHE B 336 -16.74 8.82 -8.81
C PHE B 336 -16.21 8.52 -10.22
N SER B 337 -15.46 9.46 -10.81
CA SER B 337 -14.71 9.17 -12.05
C SER B 337 -13.89 7.89 -11.92
N HIS B 338 -13.28 7.68 -10.77
CA HIS B 338 -12.48 6.48 -10.54
C HIS B 338 -13.23 5.17 -10.74
N ILE B 339 -14.53 5.13 -10.37
CA ILE B 339 -15.35 3.93 -10.63
C ILE B 339 -15.40 3.64 -12.11
N VAL B 340 -15.56 4.70 -12.91
CA VAL B 340 -15.66 4.55 -14.36
C VAL B 340 -14.32 4.07 -14.90
N LYS B 341 -13.23 4.70 -14.47
CA LYS B 341 -11.89 4.29 -14.88
C LYS B 341 -11.62 2.79 -14.65
N ARG B 342 -11.89 2.32 -13.44
CA ARG B 342 -11.66 0.91 -13.13
C ARG B 342 -12.56 -0.03 -13.92
N GLU B 343 -13.82 0.38 -14.15
CA GLU B 343 -14.73 -0.42 -14.98
C GLU B 343 -14.19 -0.53 -16.40
N ARG B 344 -13.84 0.61 -16.99
CA ARG B 344 -13.29 0.62 -18.34
C ARG B 344 -11.97 -0.12 -18.40
N ASP B 345 -11.17 -0.04 -17.33
CA ASP B 345 -9.92 -0.83 -17.24
C ASP B 345 -10.11 -2.35 -17.12
N HIS B 346 -10.97 -2.81 -16.20
CA HIS B 346 -11.07 -4.27 -15.97
C HIS B 346 -12.43 -5.00 -15.89
N ALA B 347 -13.55 -4.33 -16.12
CA ALA B 347 -14.83 -5.06 -16.22
C ALA B 347 -14.80 -6.07 -17.37
N GLY B 348 -14.45 -5.59 -18.57
CA GLY B 348 -14.20 -6.43 -19.73
C GLY B 348 -12.71 -6.64 -19.97
N PRO B 351 -9.28 -3.46 -21.94
CA PRO B 351 -8.83 -2.18 -21.38
C PRO B 351 -9.26 -0.98 -22.22
N ARG B 352 -10.44 -0.43 -21.95
CA ARG B 352 -11.03 0.62 -22.79
C ARG B 352 -10.39 2.00 -22.62
N PRO B 353 -10.52 2.88 -23.63
CA PRO B 353 -9.81 4.14 -23.53
C PRO B 353 -10.50 5.16 -22.62
N SER B 354 -9.76 5.64 -21.63
CA SER B 354 -10.25 6.66 -20.72
C SER B 354 -9.24 7.78 -20.73
N ALA B 355 -9.72 9.02 -20.54
CA ALA B 355 -8.83 10.16 -20.41
C ALA B 355 -9.26 11.00 -19.21
N PHE B 356 -8.37 11.91 -18.80
CA PHE B 356 -8.68 12.85 -17.74
C PHE B 356 -8.41 14.27 -18.18
N PHE B 357 -9.19 15.20 -17.65
CA PHE B 357 -8.95 16.61 -17.87
C PHE B 357 -7.58 17.00 -17.28
N GLY B 358 -6.88 17.88 -17.97
CA GLY B 358 -5.64 18.46 -17.43
C GLY B 358 -4.39 17.63 -17.61
N ILE B 359 -4.56 16.41 -18.14
CA ILE B 359 -3.46 15.49 -18.33
C ILE B 359 -3.77 14.58 -19.53
S SO4 C . -4.46 14.97 5.07
O1 SO4 C . -4.85 13.85 4.19
O2 SO4 C . -4.18 14.45 6.40
O3 SO4 C . -3.28 15.67 4.55
O4 SO4 C . -5.58 15.91 5.14
S SO4 D . 17.99 -31.16 0.07
O1 SO4 D . 16.54 -31.35 0.13
O2 SO4 D . 18.59 -31.42 1.38
O3 SO4 D . 18.57 -32.10 -0.90
O4 SO4 D . 18.28 -29.79 -0.33
PB GDP E . 16.00 -12.20 5.22
O1B GDP E . 15.93 -12.84 6.58
O2B GDP E . 16.60 -13.19 4.24
O3B GDP E . 14.71 -11.56 4.77
O3A GDP E . 17.09 -11.04 5.27
PA GDP E . 17.73 -10.22 6.51
O1A GDP E . 16.70 -9.37 7.15
O2A GDP E . 18.85 -9.38 5.91
O5' GDP E . 18.33 -11.28 7.55
C5' GDP E . 19.25 -12.25 7.07
C4' GDP E . 20.63 -11.93 7.63
O4' GDP E . 21.42 -13.09 7.46
C3' GDP E . 21.42 -10.89 6.84
O3' GDP E . 21.11 -9.54 7.18
C2' GDP E . 22.86 -11.29 7.16
O2' GDP E . 23.23 -10.96 8.51
C1' GDP E . 22.75 -12.79 7.02
N9 GDP E . 22.88 -13.14 5.57
C8 GDP E . 21.87 -13.54 4.74
N7 GDP E . 22.34 -13.80 3.51
C5 GDP E . 23.68 -13.55 3.53
C6 GDP E . 24.81 -13.59 2.58
O6 GDP E . 24.59 -13.94 1.39
N1 GDP E . 26.05 -13.25 3.02
C2 GDP E . 26.29 -12.88 4.31
N2 GDP E . 27.54 -12.55 4.75
N3 GDP E . 25.31 -12.84 5.24
C4 GDP E . 24.01 -13.12 4.90
S SO4 F . 31.20 -23.18 1.55
O1 SO4 F . 30.80 -23.85 0.29
O2 SO4 F . 30.16 -22.39 2.26
O3 SO4 F . 31.61 -24.21 2.49
O4 SO4 F . 32.36 -22.33 1.22
PB GDP G . -15.83 12.32 -5.26
O1B GDP G . -16.13 13.26 -4.11
O2B GDP G . -15.87 13.08 -6.54
O3B GDP G . -14.48 11.67 -5.07
O3A GDP G . -16.97 11.17 -5.40
PA GDP G . -18.06 10.70 -4.31
O1A GDP G . -17.50 10.12 -3.05
O2A GDP G . -18.99 9.70 -5.00
O5' GDP G . -18.99 11.96 -3.93
C5' GDP G . -19.54 12.74 -5.00
C4' GDP G . -21.04 12.48 -5.01
O4' GDP G . -21.68 13.58 -5.63
C3' GDP G . -21.46 11.25 -5.81
O3' GDP G . -21.47 10.07 -5.01
C2' GDP G . -22.84 11.65 -6.25
O2' GDP G . -23.74 11.53 -5.15
C1' GDP G . -22.66 13.12 -6.55
N9 GDP G . -22.13 13.17 -7.95
C8 GDP G . -20.87 13.42 -8.37
N7 GDP G . -20.81 13.37 -9.72
C5 GDP G . -22.04 13.07 -10.17
C6 GDP G . -22.70 12.86 -11.48
O6 GDP G . -22.05 12.92 -12.55
N1 GDP G . -24.00 12.58 -11.47
C2 GDP G . -24.75 12.48 -10.35
N2 GDP G . -26.08 12.19 -10.45
N3 GDP G . -24.22 12.65 -9.13
C4 GDP G . -22.91 12.94 -8.99
#